data_7RJ1
#
_entry.id   7RJ1
#
_cell.length_a   61.751
_cell.length_b   93.154
_cell.length_c   99.709
_cell.angle_alpha   90.000
_cell.angle_beta   106.959
_cell.angle_gamma   90.000
#
_symmetry.space_group_name_H-M   'P 1 21 1'
#
loop_
_entity.id
_entity.type
_entity.pdbx_description
1 polymer 'Chorismate mutase'
2 non-polymer TRYPTOPHAN
3 non-polymer 'MAGNESIUM ION'
4 non-polymer 1,2-ETHANEDIOL
5 non-polymer 2-AMINO-2-HYDROXYMETHYL-PROPANE-1,3-DIOL
6 water water
#
_entity_poly.entity_id   1
_entity_poly.type   'polypeptide(L)'
_entity_poly.pdbx_seq_one_letter_code
;SMDFMKPETVLDLANIRQALVRMEDTIVFDLIERSQFFSSPSVYEKNKYNIPNFDGTFLEWALLQLEVAHSQIRRYEAPD
ETPFFPDQLKTPILPPINYPKILAKYSDEINVNSEIMKFYVDEIVPQVSCGQGDQKENLGSASTCDIECLQAISRRIHFG
KFVAEAKYQSDKPLYIKLILDKDVKGIENSITNSAVEQKILERLIVKAESYGVDPSLKFGQNVQSKVKPEVIAKLYKDWI
IPLTKKVEIDYLLRRLEDEDVELVEKYKK
;
_entity_poly.pdbx_strand_id   A,B,C,D
#
# COMPACT_ATOMS: atom_id res chain seq x y z
N SER A 1 -4.89 14.45 4.23
CA SER A 1 -4.59 15.48 5.22
C SER A 1 -5.86 15.98 5.90
N MET A 2 -6.91 15.16 5.86
CA MET A 2 -8.21 15.57 6.36
C MET A 2 -8.18 15.85 7.86
N ASP A 3 -8.59 17.06 8.24
CA ASP A 3 -8.68 17.47 9.64
C ASP A 3 -10.01 18.20 9.81
N PHE A 4 -10.97 17.54 10.46
CA PHE A 4 -12.30 18.11 10.61
C PHE A 4 -12.34 19.34 11.52
N MET A 5 -11.24 19.72 12.14
CA MET A 5 -11.13 21.01 12.79
C MET A 5 -10.59 22.09 11.84
N LYS A 6 -10.27 21.72 10.60
CA LYS A 6 -9.80 22.67 9.58
C LYS A 6 -10.62 22.48 8.31
N PRO A 7 -11.70 23.26 8.13
CA PRO A 7 -12.58 23.05 6.97
C PRO A 7 -11.88 23.01 5.63
N GLU A 8 -10.82 23.79 5.43
CA GLU A 8 -10.17 23.81 4.11
C GLU A 8 -9.50 22.48 3.79
N THR A 9 -9.09 21.71 4.80
CA THR A 9 -8.54 20.38 4.52
C THR A 9 -9.63 19.35 4.27
N VAL A 10 -10.86 19.62 4.69
CA VAL A 10 -11.95 18.68 4.44
C VAL A 10 -12.57 18.91 3.06
N LEU A 11 -12.78 20.17 2.66
CA LEU A 11 -13.35 20.52 1.37
C LEU A 11 -12.28 20.59 0.29
N ASP A 12 -11.43 19.58 0.25
CA ASP A 12 -10.34 19.46 -0.71
C ASP A 12 -10.52 18.16 -1.48
N LEU A 13 -10.89 18.27 -2.76
CA LEU A 13 -11.30 17.09 -3.52
C LEU A 13 -10.27 15.97 -3.49
N ALA A 14 -8.98 16.32 -3.44
CA ALA A 14 -7.95 15.29 -3.41
C ALA A 14 -7.92 14.58 -2.06
N ASN A 15 -8.09 15.33 -0.96
CA ASN A 15 -8.19 14.70 0.35
C ASN A 15 -9.42 13.82 0.43
N ILE A 16 -10.53 14.27 -0.16
CA ILE A 16 -11.77 13.51 -0.11
C ILE A 16 -11.61 12.18 -0.85
N ARG A 17 -11.09 12.23 -2.08
CA ARG A 17 -10.94 10.98 -2.80
CA ARG A 17 -10.83 11.03 -2.87
C ARG A 17 -10.00 10.02 -2.08
N GLN A 18 -8.95 10.52 -1.43
CA GLN A 18 -8.06 9.64 -0.66
C GLN A 18 -8.80 8.97 0.48
N ALA A 19 -9.68 9.70 1.16
CA ALA A 19 -10.47 9.09 2.23
C ALA A 19 -11.45 8.06 1.66
N LEU A 20 -12.04 8.35 0.50
CA LEU A 20 -12.95 7.40 -0.11
C LEU A 20 -12.24 6.09 -0.45
N VAL A 21 -11.04 6.19 -1.03
CA VAL A 21 -10.23 5.00 -1.32
C VAL A 21 -10.00 4.18 -0.05
N ARG A 22 -9.63 4.86 1.04
CA ARG A 22 -9.40 4.17 2.31
C ARG A 22 -10.67 3.51 2.81
N MET A 23 -11.84 4.07 2.48
CA MET A 23 -13.10 3.47 2.90
C MET A 23 -13.40 2.19 2.12
N GLU A 24 -12.86 2.06 0.90
CA GLU A 24 -12.97 0.79 0.19
C GLU A 24 -12.47 -0.36 1.05
N ASP A 25 -11.28 -0.19 1.65
CA ASP A 25 -10.70 -1.23 2.49
C ASP A 25 -11.61 -1.54 3.67
N THR A 26 -12.11 -0.49 4.33
CA THR A 26 -12.97 -0.68 5.49
C THR A 26 -14.21 -1.50 5.14
N ILE A 27 -14.89 -1.12 4.06
CA ILE A 27 -16.10 -1.82 3.64
C ILE A 27 -15.80 -3.27 3.28
N VAL A 28 -14.70 -3.50 2.56
CA VAL A 28 -14.36 -4.86 2.15
C VAL A 28 -14.06 -5.73 3.37
N PHE A 29 -13.31 -5.19 4.34
CA PHE A 29 -13.04 -5.91 5.58
C PHE A 29 -14.35 -6.32 6.26
N ASP A 30 -15.29 -5.38 6.35
CA ASP A 30 -16.53 -5.63 7.09
C ASP A 30 -17.38 -6.69 6.40
N LEU A 31 -17.48 -6.64 5.07
CA LEU A 31 -18.23 -7.65 4.34
C LEU A 31 -17.59 -9.02 4.50
N ILE A 32 -16.26 -9.08 4.47
CA ILE A 32 -15.57 -10.36 4.67
C ILE A 32 -15.89 -10.94 6.04
N GLU A 33 -15.99 -10.08 7.06
CA GLU A 33 -16.35 -10.59 8.38
C GLU A 33 -17.79 -11.05 8.42
N ARG A 34 -18.69 -10.38 7.69
CA ARG A 34 -20.08 -10.82 7.64
C ARG A 34 -20.21 -12.12 6.87
N SER A 35 -19.30 -12.38 5.93
CA SER A 35 -19.32 -13.63 5.19
C SER A 35 -19.06 -14.85 6.07
N GLN A 36 -18.71 -14.65 7.35
CA GLN A 36 -18.52 -15.79 8.24
C GLN A 36 -19.82 -16.48 8.61
N PHE A 37 -20.95 -15.82 8.44
CA PHE A 37 -22.22 -16.31 8.97
C PHE A 37 -23.22 -16.53 7.85
N PHE A 38 -24.23 -17.34 8.14
CA PHE A 38 -25.26 -17.68 7.17
C PHE A 38 -26.20 -16.49 6.97
N SER A 39 -27.15 -16.68 6.06
CA SER A 39 -28.07 -15.60 5.67
C SER A 39 -28.86 -15.06 6.87
N SER A 40 -29.09 -15.90 7.87
CA SER A 40 -29.67 -15.48 9.15
C SER A 40 -31.01 -14.73 9.01
N PRO A 41 -32.01 -15.33 8.37
CA PRO A 41 -33.30 -14.63 8.20
C PRO A 41 -33.92 -14.10 9.48
N SER A 42 -33.66 -14.74 10.63
CA SER A 42 -34.28 -14.31 11.88
C SER A 42 -33.82 -12.90 12.30
N VAL A 43 -32.62 -12.50 11.89
CA VAL A 43 -32.12 -11.17 12.24
C VAL A 43 -32.98 -10.09 11.62
N TYR A 44 -33.55 -10.34 10.45
CA TYR A 44 -34.25 -9.34 9.66
C TYR A 44 -35.75 -9.53 9.65
N GLU A 45 -36.27 -10.46 10.44
CA GLU A 45 -37.71 -10.67 10.56
C GLU A 45 -38.29 -9.66 11.55
N LYS A 46 -39.35 -8.98 11.12
CA LYS A 46 -40.02 -7.99 11.98
C LYS A 46 -40.59 -8.67 13.22
N ASN A 47 -40.16 -8.20 14.40
CA ASN A 47 -40.70 -8.63 15.69
C ASN A 47 -40.65 -10.14 15.90
N LYS A 48 -39.67 -10.83 15.31
CA LYS A 48 -39.53 -12.26 15.57
C LYS A 48 -39.37 -12.52 17.07
N TYR A 49 -38.55 -11.71 17.73
CA TYR A 49 -38.42 -11.74 19.18
C TYR A 49 -39.23 -10.58 19.74
N ASN A 50 -40.18 -10.90 20.61
CA ASN A 50 -41.12 -9.91 21.14
C ASN A 50 -40.46 -9.04 22.21
N ILE A 51 -39.43 -8.30 21.78
CA ILE A 51 -38.70 -7.40 22.68
C ILE A 51 -39.67 -6.35 23.19
N PRO A 52 -39.84 -6.23 24.50
CA PRO A 52 -40.94 -5.41 25.04
C PRO A 52 -40.86 -3.96 24.60
N ASN A 53 -42.00 -3.45 24.12
CA ASN A 53 -42.23 -2.07 23.72
C ASN A 53 -41.45 -1.66 22.47
N PHE A 54 -40.85 -2.60 21.76
CA PHE A 54 -40.14 -2.32 20.53
C PHE A 54 -40.87 -2.91 19.33
N ASP A 55 -40.83 -2.18 18.21
CA ASP A 55 -41.39 -2.64 16.95
C ASP A 55 -40.30 -2.55 15.89
N GLY A 56 -40.00 -3.68 15.27
CA GLY A 56 -39.00 -3.71 14.20
C GLY A 56 -38.24 -5.02 14.24
N THR A 57 -37.20 -5.07 13.41
CA THR A 57 -36.40 -6.28 13.30
C THR A 57 -35.35 -6.31 14.39
N PHE A 58 -34.73 -7.48 14.57
CA PHE A 58 -33.68 -7.58 15.58
C PHE A 58 -32.50 -6.70 15.24
N LEU A 59 -32.12 -6.65 13.96
CA LEU A 59 -31.02 -5.78 13.55
C LEU A 59 -31.33 -4.32 13.86
N GLU A 60 -32.57 -3.89 13.60
CA GLU A 60 -32.95 -2.52 13.91
C GLU A 60 -32.86 -2.25 15.41
N TRP A 61 -33.21 -3.26 16.22
CA TRP A 61 -33.17 -3.06 17.65
C TRP A 61 -31.73 -2.96 18.17
N ALA A 62 -30.85 -3.85 17.69
CA ALA A 62 -29.46 -3.80 18.10
C ALA A 62 -28.78 -2.54 17.59
N LEU A 63 -29.11 -2.12 16.36
CA LEU A 63 -28.58 -0.87 15.83
C LEU A 63 -29.05 0.31 16.65
N LEU A 64 -30.32 0.31 17.05
CA LEU A 64 -30.86 1.40 17.85
C LEU A 64 -30.13 1.53 19.18
N GLN A 65 -29.79 0.40 19.81
CA GLN A 65 -29.07 0.45 21.09
C GLN A 65 -27.68 1.05 20.91
N LEU A 66 -26.95 0.62 19.88
CA LEU A 66 -25.62 1.17 19.64
C LEU A 66 -25.68 2.65 19.34
N GLU A 67 -26.63 3.06 18.49
CA GLU A 67 -26.77 4.47 18.15
C GLU A 67 -27.07 5.30 19.39
N VAL A 68 -27.99 4.83 20.23
CA VAL A 68 -28.32 5.54 21.46
C VAL A 68 -27.08 5.67 22.34
N ALA A 69 -26.34 4.57 22.51
CA ALA A 69 -25.14 4.64 23.34
C ALA A 69 -24.08 5.53 22.71
N HIS A 70 -23.92 5.46 21.39
CA HIS A 70 -22.90 6.28 20.74
C HIS A 70 -23.30 7.75 20.72
N SER A 71 -24.60 8.05 20.74
CA SER A 71 -25.01 9.45 20.82
C SER A 71 -24.61 10.06 22.15
N GLN A 72 -24.49 9.24 23.20
CA GLN A 72 -24.09 9.73 24.50
C GLN A 72 -22.64 10.21 24.49
N ILE A 73 -21.82 9.78 23.54
CA ILE A 73 -20.43 10.20 23.47
C ILE A 73 -20.19 10.95 22.17
N ARG A 74 -21.24 11.60 21.65
CA ARG A 74 -21.18 12.65 20.62
C ARG A 74 -20.96 12.13 19.21
N ARG A 75 -21.22 10.85 18.92
CA ARG A 75 -20.90 10.32 17.61
C ARG A 75 -21.57 11.11 16.49
N TYR A 76 -22.80 11.57 16.71
CA TYR A 76 -23.56 12.20 15.64
C TYR A 76 -23.50 13.71 15.69
N GLU A 77 -22.64 14.28 16.56
CA GLU A 77 -22.20 15.65 16.35
C GLU A 77 -21.22 15.74 15.18
N ALA A 78 -20.51 14.65 14.87
CA ALA A 78 -19.58 14.66 13.75
C ALA A 78 -20.33 14.84 12.43
N PRO A 79 -19.82 15.66 11.51
CA PRO A 79 -20.51 15.86 10.22
C PRO A 79 -20.39 14.67 9.28
N ASP A 80 -19.51 13.71 9.54
CA ASP A 80 -19.41 12.52 8.70
C ASP A 80 -20.14 11.33 9.29
N GLU A 81 -21.00 11.55 10.29
CA GLU A 81 -21.79 10.47 10.89
C GLU A 81 -23.27 10.80 10.73
N THR A 82 -24.01 9.90 10.13
CA THR A 82 -25.44 10.08 9.89
C THR A 82 -26.21 8.96 10.57
N PRO A 83 -27.08 9.26 11.52
CA PRO A 83 -27.75 8.19 12.28
C PRO A 83 -28.87 7.52 11.50
N PHE A 84 -29.09 6.24 11.82
CA PHE A 84 -30.24 5.51 11.28
C PHE A 84 -31.53 5.78 12.06
N PHE A 85 -31.43 6.23 13.32
CA PHE A 85 -32.61 6.58 14.12
C PHE A 85 -32.42 8.00 14.66
N PRO A 86 -32.59 9.02 13.80
CA PRO A 86 -32.29 10.40 14.23
C PRO A 86 -33.21 10.92 15.32
N ASP A 87 -34.44 10.42 15.41
CA ASP A 87 -35.38 10.92 16.41
C ASP A 87 -35.24 10.27 17.76
N GLN A 88 -34.43 9.22 17.88
CA GLN A 88 -34.35 8.45 19.12
C GLN A 88 -32.99 8.62 19.80
N LEU A 89 -32.23 9.65 19.44
CA LEU A 89 -30.94 9.92 20.04
C LEU A 89 -31.10 10.79 21.28
N LYS A 90 -30.18 10.62 22.24
CA LYS A 90 -30.24 11.29 23.52
C LYS A 90 -29.09 12.28 23.65
N THR A 91 -29.26 13.20 24.60
CA THR A 91 -28.25 14.21 24.88
C THR A 91 -26.94 13.56 25.32
N PRO A 92 -25.81 13.93 24.73
CA PRO A 92 -24.54 13.32 25.13
C PRO A 92 -24.16 13.69 26.56
N ILE A 93 -23.38 12.81 27.19
CA ILE A 93 -22.87 13.09 28.53
C ILE A 93 -21.52 13.79 28.51
N LEU A 94 -20.87 13.87 27.37
CA LEU A 94 -19.64 14.62 27.20
C LEU A 94 -19.94 15.99 26.61
N PRO A 95 -19.15 17.01 26.98
CA PRO A 95 -19.35 18.35 26.41
C PRO A 95 -19.07 18.35 24.91
N PRO A 96 -19.63 19.30 24.17
CA PRO A 96 -19.56 19.24 22.71
C PRO A 96 -18.13 19.37 22.20
N ILE A 97 -17.85 18.66 21.10
CA ILE A 97 -16.59 18.85 20.38
C ILE A 97 -16.51 20.24 19.78
N ASN A 98 -17.65 20.79 19.35
CA ASN A 98 -17.75 22.10 18.73
C ASN A 98 -16.94 22.16 17.43
N TYR A 99 -17.44 21.41 16.44
CA TYR A 99 -16.84 21.39 15.12
C TYR A 99 -17.02 22.74 14.44
N PRO A 100 -16.05 23.16 13.62
CA PRO A 100 -16.27 24.32 12.75
C PRO A 100 -17.33 24.00 11.70
N LYS A 101 -17.91 25.05 11.15
CA LYS A 101 -18.92 24.85 10.11
C LYS A 101 -18.26 24.34 8.84
N ILE A 102 -18.81 23.27 8.27
CA ILE A 102 -18.30 22.69 7.04
C ILE A 102 -19.42 22.57 6.02
N LEU A 103 -20.53 21.95 6.42
CA LEU A 103 -21.67 21.76 5.55
C LEU A 103 -22.73 22.82 5.81
N ALA A 104 -23.65 22.96 4.87
CA ALA A 104 -24.76 23.88 5.03
C ALA A 104 -25.66 23.43 6.17
N LYS A 105 -26.45 24.38 6.71
CA LYS A 105 -27.13 24.15 7.98
C LYS A 105 -28.15 23.01 7.90
N TYR A 106 -28.78 22.81 6.74
CA TYR A 106 -29.79 21.78 6.56
C TYR A 106 -29.20 20.38 6.39
N SER A 107 -27.87 20.23 6.40
CA SER A 107 -27.24 19.02 5.88
C SER A 107 -27.71 17.76 6.59
N ASP A 108 -28.09 17.86 7.87
CA ASP A 108 -28.51 16.67 8.61
C ASP A 108 -29.83 16.10 8.10
N GLU A 109 -30.63 16.89 7.39
CA GLU A 109 -31.87 16.39 6.83
C GLU A 109 -31.64 15.52 5.59
N ILE A 110 -30.48 15.62 4.94
CA ILE A 110 -30.12 14.72 3.85
C ILE A 110 -29.74 13.37 4.47
N ASN A 111 -30.68 12.43 4.48
CA ASN A 111 -30.48 11.17 5.20
C ASN A 111 -31.16 10.06 4.40
N VAL A 112 -30.37 9.18 3.78
CA VAL A 112 -30.91 8.08 2.99
C VAL A 112 -30.63 6.74 3.64
N ASN A 113 -30.44 6.74 4.97
CA ASN A 113 -30.15 5.49 5.68
C ASN A 113 -31.26 4.45 5.53
N SER A 114 -32.49 4.88 5.25
CA SER A 114 -33.57 3.91 5.04
C SER A 114 -33.34 3.10 3.77
N GLU A 115 -32.87 3.74 2.70
CA GLU A 115 -32.59 3.01 1.47
C GLU A 115 -31.36 2.12 1.63
N ILE A 116 -30.40 2.54 2.46
CA ILE A 116 -29.23 1.72 2.73
C ILE A 116 -29.65 0.44 3.45
N MET A 117 -30.40 0.57 4.55
CA MET A 117 -30.91 -0.59 5.26
C MET A 117 -31.68 -1.53 4.33
N LYS A 118 -32.43 -0.95 3.40
CA LYS A 118 -33.26 -1.76 2.50
C LYS A 118 -32.40 -2.57 1.55
N PHE A 119 -31.45 -1.92 0.85
CA PHE A 119 -30.67 -2.69 -0.12
C PHE A 119 -29.65 -3.59 0.56
N TYR A 120 -29.14 -3.19 1.72
CA TYR A 120 -28.20 -4.05 2.45
C TYR A 120 -28.85 -5.39 2.78
N VAL A 121 -30.03 -5.35 3.38
CA VAL A 121 -30.71 -6.58 3.80
C VAL A 121 -31.17 -7.38 2.57
N ASP A 122 -31.81 -6.71 1.60
CA ASP A 122 -32.43 -7.43 0.50
C ASP A 122 -31.44 -7.87 -0.56
N GLU A 123 -30.34 -7.16 -0.76
CA GLU A 123 -29.42 -7.48 -1.85
C GLU A 123 -28.07 -7.98 -1.39
N ILE A 124 -27.49 -7.41 -0.34
CA ILE A 124 -26.12 -7.70 0.02
C ILE A 124 -26.01 -8.94 0.91
N VAL A 125 -26.80 -8.97 1.99
CA VAL A 125 -26.78 -10.13 2.90
C VAL A 125 -26.90 -11.46 2.15
N PRO A 126 -27.85 -11.64 1.23
CA PRO A 126 -27.92 -12.94 0.52
C PRO A 126 -26.68 -13.26 -0.31
N GLN A 127 -25.92 -12.25 -0.71
CA GLN A 127 -24.78 -12.45 -1.59
C GLN A 127 -23.45 -12.58 -0.86
N VAL A 128 -23.31 -12.00 0.32
CA VAL A 128 -22.05 -12.12 1.05
C VAL A 128 -22.09 -13.24 2.10
N SER A 129 -23.27 -13.67 2.53
CA SER A 129 -23.36 -14.76 3.50
C SER A 129 -22.67 -16.02 2.97
N CYS A 130 -22.12 -16.81 3.89
CA CYS A 130 -21.50 -18.05 3.48
C CYS A 130 -22.51 -19.08 2.99
N GLY A 131 -23.80 -18.84 3.20
CA GLY A 131 -24.82 -19.74 2.72
C GLY A 131 -26.17 -19.40 3.31
N GLN A 132 -27.17 -20.15 2.86
CA GLN A 132 -28.51 -20.02 3.41
C GLN A 132 -28.60 -20.82 4.70
N GLY A 133 -29.02 -20.16 5.77
CA GLY A 133 -29.15 -20.83 7.05
C GLY A 133 -29.50 -19.86 8.14
N ASP A 134 -29.90 -20.43 9.27
CA ASP A 134 -30.35 -19.65 10.43
C ASP A 134 -29.86 -20.40 11.68
N GLN A 135 -28.81 -19.89 12.31
CA GLN A 135 -28.25 -20.49 13.51
C GLN A 135 -28.53 -19.57 14.69
N LYS A 136 -29.38 -20.03 15.60
CA LYS A 136 -29.81 -19.21 16.74
C LYS A 136 -28.62 -18.70 17.56
N GLU A 137 -27.55 -19.48 17.64
CA GLU A 137 -26.40 -19.10 18.45
C GLU A 137 -25.49 -18.09 17.76
N ASN A 138 -25.86 -17.60 16.58
CA ASN A 138 -25.06 -16.57 15.90
C ASN A 138 -25.92 -15.37 15.56
N LEU A 139 -27.09 -15.26 16.18
CA LEU A 139 -27.94 -14.08 16.02
C LEU A 139 -27.18 -12.80 16.34
N GLY A 140 -26.47 -12.79 17.47
CA GLY A 140 -25.77 -11.58 17.87
C GLY A 140 -24.53 -11.31 17.04
N SER A 141 -23.78 -12.36 16.71
CA SER A 141 -22.57 -12.18 15.91
C SER A 141 -22.90 -11.62 14.53
N ALA A 142 -23.89 -12.21 13.86
CA ALA A 142 -24.25 -11.77 12.52
C ALA A 142 -24.77 -10.33 12.53
N SER A 143 -25.61 -9.99 13.52
CA SER A 143 -26.18 -8.65 13.56
C SER A 143 -25.13 -7.59 13.91
N THR A 144 -24.12 -7.95 14.70
CA THR A 144 -23.05 -6.99 14.96
C THR A 144 -22.25 -6.71 13.69
N CYS A 145 -21.94 -7.76 12.93
CA CYS A 145 -21.28 -7.57 11.63
C CYS A 145 -22.14 -6.71 10.71
N ASP A 146 -23.46 -6.97 10.68
CA ASP A 146 -24.36 -6.12 9.89
C ASP A 146 -24.20 -4.67 10.27
N ILE A 147 -24.11 -4.38 11.57
CA ILE A 147 -24.03 -3.00 12.04
C ILE A 147 -22.73 -2.35 11.56
N GLU A 148 -21.61 -3.06 11.70
CA GLU A 148 -20.33 -2.57 11.18
C GLU A 148 -20.44 -2.24 9.68
N CYS A 149 -21.00 -3.15 8.90
CA CYS A 149 -21.16 -2.92 7.46
C CYS A 149 -22.06 -1.72 7.20
N LEU A 150 -23.20 -1.66 7.90
CA LEU A 150 -24.18 -0.61 7.65
C LEU A 150 -23.58 0.77 7.94
N GLN A 151 -22.75 0.87 8.97
CA GLN A 151 -22.21 2.17 9.35
C GLN A 151 -21.06 2.59 8.43
N ALA A 152 -20.31 1.64 7.89
CA ALA A 152 -19.27 1.98 6.93
C ALA A 152 -19.88 2.39 5.60
N ILE A 153 -20.93 1.69 5.15
CA ILE A 153 -21.58 2.04 3.90
C ILE A 153 -22.29 3.38 4.02
N SER A 154 -22.94 3.63 5.15
CA SER A 154 -23.63 4.91 5.35
C SER A 154 -22.63 6.06 5.42
N ARG A 155 -21.48 5.84 6.05
CA ARG A 155 -20.47 6.91 6.09
C ARG A 155 -19.96 7.21 4.68
N ARG A 156 -19.66 6.18 3.91
CA ARG A 156 -19.18 6.37 2.54
C ARG A 156 -20.21 7.13 1.71
N ILE A 157 -21.47 6.72 1.77
CA ILE A 157 -22.50 7.31 0.92
C ILE A 157 -22.78 8.75 1.32
N HIS A 158 -22.89 9.03 2.62
CA HIS A 158 -23.20 10.38 3.06
C HIS A 158 -21.98 11.29 3.02
N PHE A 159 -20.78 10.75 2.77
CA PHE A 159 -19.64 11.58 2.44
C PHE A 159 -19.86 12.39 1.16
N GLY A 160 -20.88 12.04 0.38
CA GLY A 160 -21.22 12.84 -0.79
C GLY A 160 -21.50 14.29 -0.45
N LYS A 161 -21.95 14.56 0.79
CA LYS A 161 -22.16 15.95 1.21
C LYS A 161 -20.87 16.75 1.12
N PHE A 162 -19.74 16.18 1.56
CA PHE A 162 -18.48 16.90 1.46
C PHE A 162 -18.06 17.06 0.01
N VAL A 163 -18.32 16.05 -0.83
CA VAL A 163 -18.02 16.18 -2.25
C VAL A 163 -18.83 17.32 -2.85
N ALA A 164 -20.12 17.36 -2.53
CA ALA A 164 -21.00 18.37 -3.11
C ALA A 164 -20.60 19.77 -2.66
N GLU A 165 -20.26 19.95 -1.39
CA GLU A 165 -19.92 21.29 -0.90
C GLU A 165 -18.59 21.77 -1.47
N ALA A 166 -17.61 20.86 -1.60
CA ALA A 166 -16.34 21.26 -2.20
C ALA A 166 -16.52 21.60 -3.67
N LYS A 167 -17.34 20.84 -4.39
CA LYS A 167 -17.62 21.16 -5.79
C LYS A 167 -18.37 22.48 -5.89
N TYR A 168 -19.27 22.76 -4.95
CA TYR A 168 -20.03 24.01 -4.99
C TYR A 168 -19.11 25.23 -4.84
N GLN A 169 -18.14 25.15 -3.92
CA GLN A 169 -17.31 26.32 -3.66
C GLN A 169 -16.20 26.50 -4.68
N SER A 170 -15.90 25.48 -5.47
CA SER A 170 -14.95 25.61 -6.56
C SER A 170 -15.57 26.30 -7.78
N ASP A 171 -16.89 26.25 -7.94
CA ASP A 171 -17.55 26.83 -9.11
C ASP A 171 -18.96 27.28 -8.71
N LYS A 172 -19.03 28.33 -7.88
CA LYS A 172 -20.32 28.87 -7.48
C LYS A 172 -21.16 29.37 -8.65
N PRO A 173 -20.63 30.13 -9.62
CA PRO A 173 -21.51 30.65 -10.69
C PRO A 173 -22.18 29.56 -11.51
N LEU A 174 -21.49 28.44 -11.76
CA LEU A 174 -22.13 27.34 -12.46
C LEU A 174 -23.22 26.70 -11.60
N TYR A 175 -22.90 26.36 -10.36
CA TYR A 175 -23.86 25.64 -9.53
C TYR A 175 -25.04 26.50 -9.13
N ILE A 176 -24.83 27.81 -8.96
CA ILE A 176 -25.96 28.70 -8.70
C ILE A 176 -26.93 28.67 -9.87
N LYS A 177 -26.40 28.71 -11.10
CA LYS A 177 -27.24 28.60 -12.30
C LYS A 177 -27.99 27.27 -12.33
N LEU A 178 -27.30 26.18 -12.02
CA LEU A 178 -27.93 24.86 -12.06
C LEU A 178 -29.00 24.72 -10.97
N ILE A 179 -28.74 25.24 -9.78
CA ILE A 179 -29.67 25.05 -8.67
C ILE A 179 -30.94 25.85 -8.91
N LEU A 180 -30.80 27.09 -9.41
CA LEU A 180 -31.99 27.89 -9.69
C LEU A 180 -32.77 27.31 -10.86
N ASP A 181 -32.09 26.60 -11.77
CA ASP A 181 -32.79 25.86 -12.81
C ASP A 181 -33.37 24.55 -12.31
N LYS A 182 -32.94 24.08 -11.14
CA LYS A 182 -33.23 22.71 -10.72
C LYS A 182 -32.74 21.69 -11.74
N ASP A 183 -31.67 22.02 -12.46
CA ASP A 183 -31.20 21.15 -13.53
C ASP A 183 -30.57 19.91 -12.89
N VAL A 184 -31.44 18.95 -12.56
CA VAL A 184 -31.00 17.72 -11.90
C VAL A 184 -30.04 16.96 -12.81
N LYS A 185 -30.38 16.83 -14.09
CA LYS A 185 -29.48 16.18 -15.03
C LYS A 185 -28.17 16.96 -15.17
N GLY A 186 -28.25 18.29 -15.24
CA GLY A 186 -27.05 19.09 -15.31
C GLY A 186 -26.16 18.91 -14.08
N ILE A 187 -26.77 18.85 -12.90
CA ILE A 187 -26.00 18.63 -11.68
C ILE A 187 -25.31 17.27 -11.73
N GLU A 188 -26.05 16.24 -12.16
CA GLU A 188 -25.46 14.90 -12.25
C GLU A 188 -24.29 14.88 -13.23
N ASN A 189 -24.43 15.55 -14.38
CA ASN A 189 -23.33 15.62 -15.34
C ASN A 189 -22.12 16.31 -14.75
N SER A 190 -22.34 17.34 -13.93
CA SER A 190 -21.22 18.11 -13.39
C SER A 190 -20.41 17.31 -12.36
N ILE A 191 -21.03 16.34 -11.69
CA ILE A 191 -20.34 15.60 -10.65
C ILE A 191 -19.85 14.22 -11.09
N THR A 192 -20.28 13.74 -12.26
CA THR A 192 -20.01 12.37 -12.67
C THR A 192 -18.74 12.27 -13.48
N ASN A 193 -17.95 11.23 -13.21
CA ASN A 193 -16.78 10.86 -14.01
C ASN A 193 -16.81 9.35 -14.18
N SER A 194 -17.29 8.89 -15.34
CA SER A 194 -17.45 7.47 -15.57
C SER A 194 -16.10 6.74 -15.59
N ALA A 195 -15.06 7.39 -16.12
CA ALA A 195 -13.75 6.75 -16.18
C ALA A 195 -13.20 6.49 -14.78
N VAL A 196 -13.38 7.44 -13.87
CA VAL A 196 -12.95 7.24 -12.49
C VAL A 196 -13.75 6.12 -11.84
N GLU A 197 -15.05 6.07 -12.11
CA GLU A 197 -15.91 5.05 -11.51
C GLU A 197 -15.48 3.64 -11.93
N GLN A 198 -15.17 3.46 -13.22
CA GLN A 198 -14.74 2.15 -13.69
C GLN A 198 -13.45 1.72 -13.01
N LYS A 199 -12.54 2.66 -12.75
CA LYS A 199 -11.27 2.32 -12.12
C LYS A 199 -11.45 2.00 -10.63
N ILE A 200 -12.43 2.62 -9.98
CA ILE A 200 -12.82 2.19 -8.64
C ILE A 200 -13.28 0.74 -8.65
N LEU A 201 -14.20 0.41 -9.58
CA LEU A 201 -14.73 -0.94 -9.68
C LEU A 201 -13.61 -1.97 -9.88
N GLU A 202 -12.61 -1.63 -10.68
CA GLU A 202 -11.54 -2.58 -10.95
C GLU A 202 -10.61 -2.72 -9.76
N ARG A 203 -10.36 -1.64 -9.03
CA ARG A 203 -9.56 -1.76 -7.82
C ARG A 203 -10.29 -2.56 -6.74
N LEU A 204 -11.62 -2.45 -6.68
CA LEU A 204 -12.39 -3.23 -5.71
C LEU A 204 -12.24 -4.73 -5.98
N ILE A 205 -12.23 -5.12 -7.25
CA ILE A 205 -12.07 -6.53 -7.60
C ILE A 205 -10.77 -7.07 -7.02
N VAL A 206 -9.69 -6.29 -7.13
CA VAL A 206 -8.40 -6.77 -6.68
C VAL A 206 -8.32 -6.73 -5.16
N LYS A 207 -8.99 -5.77 -4.52
CA LYS A 207 -9.00 -5.73 -3.07
C LYS A 207 -9.78 -6.90 -2.49
N ALA A 208 -10.91 -7.26 -3.12
CA ALA A 208 -11.65 -8.44 -2.67
C ALA A 208 -10.80 -9.70 -2.77
N GLU A 209 -9.98 -9.81 -3.82
CA GLU A 209 -9.12 -10.97 -3.98
C GLU A 209 -8.00 -10.96 -2.94
N SER A 210 -7.33 -9.81 -2.78
CA SER A 210 -6.15 -9.77 -1.91
C SER A 210 -6.54 -9.86 -0.44
N TYR A 211 -7.65 -9.23 -0.04
CA TYR A 211 -8.07 -9.31 1.36
C TYR A 211 -8.88 -10.56 1.65
N GLY A 212 -9.60 -11.09 0.65
CA GLY A 212 -10.51 -12.18 0.88
C GLY A 212 -9.95 -13.57 0.71
N VAL A 213 -8.69 -13.70 0.30
CA VAL A 213 -8.07 -15.01 0.08
C VAL A 213 -6.92 -15.15 1.06
N ASP A 214 -6.93 -16.25 1.82
CA ASP A 214 -5.85 -16.51 2.74
C ASP A 214 -4.53 -16.59 1.98
N PRO A 215 -3.50 -15.87 2.40
CA PRO A 215 -2.21 -15.92 1.67
C PRO A 215 -1.29 -17.02 2.18
N SER A 216 -1.87 -18.11 2.69
CA SER A 216 -1.12 -19.32 3.00
C SER A 216 -1.45 -20.48 2.08
N LEU A 217 -2.53 -20.37 1.31
CA LEU A 217 -2.97 -21.43 0.41
C LEU A 217 -3.00 -20.90 -1.01
N LYS A 218 -2.48 -21.70 -1.94
CA LYS A 218 -2.53 -21.38 -3.37
C LYS A 218 -2.54 -22.67 -4.18
N GLN A 221 -5.62 -26.56 -0.56
CA GLN A 221 -5.85 -26.37 -1.98
C GLN A 221 -7.30 -25.96 -2.23
N ASN A 222 -7.58 -24.68 -2.05
CA ASN A 222 -8.95 -24.19 -2.08
C ASN A 222 -8.96 -22.67 -2.27
N VAL A 223 -8.65 -22.21 -3.48
CA VAL A 223 -8.30 -20.81 -3.72
C VAL A 223 -9.52 -20.00 -4.17
N GLN A 224 -10.57 -19.98 -3.34
CA GLN A 224 -11.72 -19.12 -3.58
C GLN A 224 -11.74 -17.97 -2.56
N SER A 225 -12.22 -16.82 -3.01
CA SER A 225 -12.35 -15.67 -2.14
C SER A 225 -13.56 -15.84 -1.24
N LYS A 226 -13.42 -15.43 0.02
CA LYS A 226 -14.55 -15.60 0.94
C LYS A 226 -15.64 -14.56 0.74
N VAL A 227 -15.42 -13.55 -0.10
CA VAL A 227 -16.49 -12.74 -0.66
C VAL A 227 -16.27 -12.63 -2.17
N LYS A 228 -17.30 -12.92 -2.94
CA LYS A 228 -17.22 -12.87 -4.40
C LYS A 228 -16.82 -11.47 -4.86
N PRO A 229 -15.70 -11.33 -5.57
CA PRO A 229 -15.26 -9.97 -5.98
C PRO A 229 -16.30 -9.20 -6.76
N GLU A 230 -16.99 -9.85 -7.70
CA GLU A 230 -18.00 -9.16 -8.48
C GLU A 230 -19.16 -8.68 -7.62
N VAL A 231 -19.41 -9.36 -6.49
CA VAL A 231 -20.43 -8.88 -5.56
C VAL A 231 -20.01 -7.53 -4.97
N ILE A 232 -18.73 -7.40 -4.63
CA ILE A 232 -18.21 -6.13 -4.12
C ILE A 232 -18.31 -5.05 -5.19
N ALA A 233 -17.88 -5.38 -6.42
CA ALA A 233 -17.96 -4.43 -7.51
C ALA A 233 -19.40 -4.01 -7.77
N LYS A 234 -20.33 -4.96 -7.67
CA LYS A 234 -21.74 -4.64 -7.93
C LYS A 234 -22.35 -3.84 -6.80
N LEU A 235 -21.88 -4.04 -5.56
CA LEU A 235 -22.36 -3.22 -4.45
C LEU A 235 -22.13 -1.74 -4.72
N TYR A 236 -20.96 -1.41 -5.29
CA TYR A 236 -20.66 -0.02 -5.60
C TYR A 236 -21.43 0.46 -6.83
N LYS A 237 -21.41 -0.34 -7.90
CA LYS A 237 -22.01 0.09 -9.16
C LYS A 237 -23.52 0.29 -9.04
N ASP A 238 -24.19 -0.64 -8.37
CA ASP A 238 -25.66 -0.61 -8.29
C ASP A 238 -26.17 0.21 -7.13
N TRP A 239 -25.41 0.34 -6.05
CA TRP A 239 -25.97 0.95 -4.85
C TRP A 239 -25.15 2.12 -4.33
N ILE A 240 -23.89 1.89 -3.96
CA ILE A 240 -23.11 2.90 -3.26
C ILE A 240 -22.87 4.13 -4.13
N ILE A 241 -22.45 3.91 -5.38
CA ILE A 241 -22.15 5.06 -6.24
C ILE A 241 -23.43 5.79 -6.61
N PRO A 242 -24.50 5.13 -7.07
CA PRO A 242 -25.74 5.89 -7.36
C PRO A 242 -26.32 6.61 -6.16
N LEU A 243 -26.24 6.03 -4.95
CA LEU A 243 -26.80 6.73 -3.80
C LEU A 243 -25.90 7.88 -3.36
N THR A 244 -24.59 7.76 -3.53
CA THR A 244 -23.71 8.89 -3.25
C THR A 244 -24.09 10.09 -4.11
N LYS A 245 -24.42 9.85 -5.38
CA LYS A 245 -24.79 10.94 -6.27
C LYS A 245 -26.14 11.53 -5.88
N LYS A 246 -27.09 10.70 -5.48
CA LYS A 246 -28.37 11.20 -4.99
C LYS A 246 -28.18 12.11 -3.79
N VAL A 247 -27.32 11.72 -2.84
CA VAL A 247 -27.00 12.59 -1.71
C VAL A 247 -26.42 13.91 -2.21
N GLU A 248 -25.46 13.83 -3.12
CA GLU A 248 -24.83 15.04 -3.64
C GLU A 248 -25.84 15.95 -4.33
N ILE A 249 -26.71 15.36 -5.15
CA ILE A 249 -27.70 16.15 -5.89
C ILE A 249 -28.69 16.79 -4.92
N ASP A 250 -29.20 16.02 -3.96
CA ASP A 250 -30.18 16.55 -3.01
C ASP A 250 -29.56 17.65 -2.15
N TYR A 251 -28.29 17.51 -1.79
CA TYR A 251 -27.60 18.54 -1.02
C TYR A 251 -27.51 19.85 -1.82
N LEU A 252 -27.13 19.76 -3.10
CA LEU A 252 -26.96 20.96 -3.90
C LEU A 252 -28.30 21.63 -4.22
N LEU A 253 -29.36 20.85 -4.41
CA LEU A 253 -30.66 21.44 -4.74
C LEU A 253 -31.17 22.39 -3.67
N ARG A 254 -30.73 22.22 -2.41
CA ARG A 254 -31.09 23.11 -1.32
C ARG A 254 -29.98 24.08 -0.91
N ARG A 255 -28.86 24.08 -1.63
CA ARG A 255 -27.68 24.81 -1.16
C ARG A 255 -27.91 26.32 -1.10
N LEU A 256 -28.83 26.85 -1.91
CA LEU A 256 -29.05 28.29 -1.87
C LEU A 256 -29.84 28.72 -0.65
N GLU A 257 -30.41 27.77 0.10
CA GLU A 257 -31.01 28.10 1.40
C GLU A 257 -29.97 28.67 2.37
N ASP A 258 -28.70 28.31 2.19
CA ASP A 258 -27.63 28.73 3.06
C ASP A 258 -26.60 29.58 2.31
N GLU A 259 -27.08 30.39 1.36
CA GLU A 259 -26.21 31.27 0.61
C GLU A 259 -26.67 32.71 0.79
N ASP A 260 -25.72 33.64 0.73
CA ASP A 260 -26.06 35.05 0.75
C ASP A 260 -26.82 35.42 -0.52
N VAL A 261 -27.77 36.33 -0.38
CA VAL A 261 -28.59 36.74 -1.53
C VAL A 261 -27.60 37.70 -2.19
N GLU A 262 -26.47 37.15 -2.64
CA GLU A 262 -25.62 37.77 -3.64
C GLU A 262 -25.43 36.69 -4.70
N LEU A 263 -26.43 35.82 -4.82
CA LEU A 263 -26.67 35.01 -6.00
C LEU A 263 -27.56 35.72 -6.99
N VAL A 264 -28.11 36.87 -6.63
CA VAL A 264 -28.71 37.78 -7.60
C VAL A 264 -27.68 38.22 -8.63
N GLU A 265 -26.40 38.17 -8.26
CA GLU A 265 -25.33 38.47 -9.21
C GLU A 265 -25.25 37.42 -10.30
N LYS A 266 -25.36 36.14 -9.94
CA LYS A 266 -25.06 35.05 -10.85
C LYS A 266 -26.30 34.38 -11.44
N TYR A 267 -27.47 34.97 -11.29
CA TYR A 267 -28.67 34.38 -11.86
C TYR A 267 -29.23 35.22 -13.00
N SER B 1 -15.78 -26.99 10.44
CA SER B 1 -17.21 -27.26 10.43
C SER B 1 -17.78 -27.21 11.84
N MET B 2 -17.32 -26.23 12.63
CA MET B 2 -17.74 -26.13 14.01
C MET B 2 -19.22 -25.80 14.12
N ASP B 3 -19.95 -26.60 14.88
CA ASP B 3 -21.33 -26.32 15.26
C ASP B 3 -21.38 -26.36 16.78
N PHE B 4 -21.49 -25.18 17.40
CA PHE B 4 -21.48 -25.14 18.86
C PHE B 4 -22.67 -25.85 19.48
N MET B 5 -23.66 -26.22 18.68
CA MET B 5 -24.68 -27.15 19.15
C MET B 5 -24.23 -28.60 19.10
N LYS B 6 -23.09 -28.88 18.48
CA LYS B 6 -22.54 -30.24 18.38
C LYS B 6 -21.17 -30.27 19.05
N PRO B 7 -21.07 -30.75 20.29
CA PRO B 7 -19.77 -30.74 20.99
C PRO B 7 -18.66 -31.47 20.26
N GLU B 8 -18.97 -32.56 19.56
CA GLU B 8 -17.93 -33.34 18.89
C GLU B 8 -17.24 -32.54 17.79
N THR B 9 -17.95 -31.60 17.16
CA THR B 9 -17.34 -30.77 16.14
C THR B 9 -16.56 -29.59 16.71
N VAL B 10 -16.79 -29.24 17.97
CA VAL B 10 -16.04 -28.15 18.60
C VAL B 10 -14.72 -28.64 19.18
N LEU B 11 -14.72 -29.83 19.78
CA LEU B 11 -13.50 -30.37 20.38
C LEU B 11 -12.72 -31.17 19.35
N ASP B 12 -12.81 -30.75 18.09
CA ASP B 12 -12.05 -31.34 17.00
C ASP B 12 -10.82 -30.47 16.76
N LEU B 13 -9.63 -31.04 17.02
CA LEU B 13 -8.42 -30.24 16.95
C LEU B 13 -8.17 -29.68 15.56
N ALA B 14 -8.58 -30.40 14.51
CA ALA B 14 -8.46 -29.86 13.16
C ALA B 14 -9.44 -28.70 12.95
N ASN B 15 -10.67 -28.84 13.44
CA ASN B 15 -11.62 -27.74 13.38
C ASN B 15 -11.15 -26.55 14.20
N ILE B 16 -10.45 -26.80 15.31
CA ILE B 16 -9.95 -25.69 16.12
C ILE B 16 -8.82 -24.97 15.41
N ARG B 17 -7.98 -25.72 14.67
CA ARG B 17 -6.92 -25.10 13.89
C ARG B 17 -7.49 -24.11 12.88
N GLN B 18 -8.49 -24.53 12.11
CA GLN B 18 -9.04 -23.66 11.07
C GLN B 18 -9.67 -22.41 11.68
N ALA B 19 -10.32 -22.55 12.84
CA ALA B 19 -10.96 -21.40 13.46
C ALA B 19 -9.93 -20.41 14.00
N LEU B 20 -8.81 -20.91 14.54
CA LEU B 20 -7.75 -20.02 14.97
C LEU B 20 -7.14 -19.29 13.79
N VAL B 21 -6.97 -19.99 12.66
CA VAL B 21 -6.43 -19.36 11.45
C VAL B 21 -7.37 -18.28 10.96
N ARG B 22 -8.69 -18.57 10.93
CA ARG B 22 -9.65 -17.55 10.54
C ARG B 22 -9.61 -16.34 11.47
N MET B 23 -9.21 -16.56 12.73
CA MET B 23 -9.12 -15.47 13.68
C MET B 23 -7.91 -14.58 13.43
N GLU B 24 -6.88 -15.11 12.76
CA GLU B 24 -5.75 -14.26 12.35
C GLU B 24 -6.23 -13.11 11.47
N ASP B 25 -7.06 -13.42 10.47
CA ASP B 25 -7.59 -12.38 9.60
C ASP B 25 -8.38 -11.35 10.38
N THR B 26 -9.23 -11.81 11.30
CA THR B 26 -10.06 -10.91 12.08
C THR B 26 -9.22 -9.95 12.91
N ILE B 27 -8.12 -10.45 13.50
CA ILE B 27 -7.28 -9.59 14.33
C ILE B 27 -6.50 -8.60 13.48
N VAL B 28 -5.91 -9.09 12.38
CA VAL B 28 -5.14 -8.20 11.51
C VAL B 28 -6.04 -7.09 10.95
N PHE B 29 -7.27 -7.44 10.53
CA PHE B 29 -8.20 -6.43 10.03
C PHE B 29 -8.44 -5.36 11.08
N ASP B 30 -8.67 -5.77 12.33
CA ASP B 30 -9.02 -4.82 13.39
C ASP B 30 -7.86 -3.89 13.72
N LEU B 31 -6.64 -4.44 13.82
CA LEU B 31 -5.47 -3.60 14.04
C LEU B 31 -5.25 -2.65 12.87
N ILE B 32 -5.51 -3.10 11.65
CA ILE B 32 -5.39 -2.22 10.49
C ILE B 32 -6.34 -1.04 10.61
N GLU B 33 -7.57 -1.29 11.09
CA GLU B 33 -8.51 -0.20 11.26
C GLU B 33 -8.08 0.73 12.40
N ARG B 34 -7.45 0.17 13.44
CA ARG B 34 -6.98 1.00 14.55
C ARG B 34 -5.80 1.87 14.13
N SER B 35 -5.04 1.45 13.12
CA SER B 35 -3.87 2.20 12.69
C SER B 35 -4.24 3.51 11.99
N GLN B 36 -5.53 3.78 11.77
CA GLN B 36 -5.94 5.05 11.19
C GLN B 36 -5.86 6.21 12.17
N PHE B 37 -5.76 5.94 13.47
CA PHE B 37 -5.89 6.97 14.48
C PHE B 37 -4.61 7.09 15.30
N PHE B 38 -4.45 8.24 15.95
CA PHE B 38 -3.26 8.50 16.74
C PHE B 38 -3.28 7.71 18.04
N SER B 39 -2.16 7.77 18.77
CA SER B 39 -1.99 6.96 19.97
C SER B 39 -3.08 7.27 21.01
N SER B 40 -3.68 8.46 20.94
CA SER B 40 -4.85 8.84 21.71
C SER B 40 -4.69 8.60 23.21
N PRO B 41 -3.72 9.23 23.86
CA PRO B 41 -3.52 8.97 25.30
C PRO B 41 -4.74 9.26 26.16
N SER B 42 -5.61 10.18 25.74
CA SER B 42 -6.78 10.52 26.55
C SER B 42 -7.73 9.35 26.71
N VAL B 43 -7.71 8.42 25.76
CA VAL B 43 -8.60 7.26 25.83
C VAL B 43 -8.24 6.36 27.01
N TYR B 44 -6.95 6.30 27.37
CA TYR B 44 -6.47 5.32 28.32
C TYR B 44 -6.04 5.95 29.65
N GLU B 45 -6.45 7.18 29.91
CA GLU B 45 -6.10 7.84 31.16
C GLU B 45 -7.24 7.65 32.16
N LYS B 46 -6.88 7.22 33.36
CA LYS B 46 -7.88 6.91 34.38
C LYS B 46 -8.61 8.17 34.80
N ASN B 47 -9.94 8.11 34.83
CA ASN B 47 -10.79 9.15 35.40
C ASN B 47 -10.54 10.52 34.77
N LYS B 48 -10.18 10.56 33.48
CA LYS B 48 -9.94 11.83 32.83
C LYS B 48 -11.24 12.60 32.62
N TYR B 49 -12.23 11.96 32.03
CA TYR B 49 -13.49 12.62 31.71
C TYR B 49 -14.47 12.54 32.87
N ASN B 50 -15.49 13.41 32.81
CA ASN B 50 -16.47 13.55 33.88
C ASN B 50 -17.61 12.58 33.64
N ILE B 51 -17.39 11.32 34.05
CA ILE B 51 -18.32 10.24 33.78
C ILE B 51 -18.86 9.74 35.12
N PRO B 52 -20.16 9.86 35.38
CA PRO B 52 -20.68 9.62 36.73
C PRO B 52 -20.56 8.15 37.13
N ASN B 53 -20.32 7.94 38.43
CA ASN B 53 -20.40 6.62 39.05
C ASN B 53 -19.51 5.60 38.34
N PHE B 54 -18.29 6.01 38.00
CA PHE B 54 -17.40 5.10 37.31
C PHE B 54 -15.95 5.44 37.63
N ASP B 55 -15.12 4.40 37.78
CA ASP B 55 -13.70 4.53 38.06
C ASP B 55 -12.94 3.75 37.00
N GLY B 56 -12.17 4.44 36.17
CA GLY B 56 -11.38 3.79 35.16
C GLY B 56 -11.15 4.72 33.98
N THR B 57 -10.60 4.14 32.91
CA THR B 57 -10.31 4.87 31.68
C THR B 57 -11.58 4.98 30.84
N PHE B 58 -11.54 5.87 29.85
CA PHE B 58 -12.68 6.01 28.94
C PHE B 58 -12.90 4.72 28.15
N LEU B 59 -11.82 4.09 27.70
CA LEU B 59 -11.95 2.82 26.99
C LEU B 59 -12.68 1.79 27.85
N GLU B 60 -12.29 1.67 29.12
CA GLU B 60 -12.94 0.74 30.03
C GLU B 60 -14.42 1.07 30.21
N TRP B 61 -14.75 2.36 30.28
CA TRP B 61 -16.15 2.74 30.43
C TRP B 61 -16.95 2.38 29.18
N ALA B 62 -16.40 2.69 28.00
CA ALA B 62 -17.10 2.37 26.76
C ALA B 62 -17.25 0.87 26.58
N LEU B 63 -16.21 0.12 26.92
CA LEU B 63 -16.30 -1.34 26.82
C LEU B 63 -17.35 -1.89 27.79
N LEU B 64 -17.44 -1.31 28.99
CA LEU B 64 -18.45 -1.74 29.94
C LEU B 64 -19.85 -1.51 29.39
N GLN B 65 -20.10 -0.35 28.78
CA GLN B 65 -21.41 -0.09 28.19
C GLN B 65 -21.77 -1.15 27.16
N LEU B 66 -20.83 -1.49 26.27
CA LEU B 66 -21.09 -2.49 25.25
C LEU B 66 -21.38 -3.86 25.88
N GLU B 67 -20.50 -4.31 26.78
CA GLU B 67 -20.69 -5.61 27.41
C GLU B 67 -22.02 -5.72 28.14
N VAL B 68 -22.48 -4.63 28.74
CA VAL B 68 -23.76 -4.65 29.43
C VAL B 68 -24.90 -4.80 28.43
N ALA B 69 -24.83 -4.06 27.31
CA ALA B 69 -25.87 -4.19 26.29
C ALA B 69 -25.85 -5.57 25.66
N HIS B 70 -24.67 -6.09 25.34
CA HIS B 70 -24.58 -7.40 24.71
C HIS B 70 -24.98 -8.51 25.66
N SER B 71 -24.79 -8.33 26.96
CA SER B 71 -25.22 -9.35 27.90
C SER B 71 -26.74 -9.45 27.95
N GLN B 72 -27.44 -8.37 27.61
CA GLN B 72 -28.89 -8.41 27.52
C GLN B 72 -29.37 -9.32 26.40
N ILE B 73 -28.51 -9.59 25.40
CA ILE B 73 -28.88 -10.50 24.32
C ILE B 73 -27.94 -11.70 24.31
N ARG B 74 -27.56 -12.16 25.51
CA ARG B 74 -27.00 -13.49 25.75
C ARG B 74 -25.63 -13.71 25.15
N ARG B 75 -24.86 -12.65 24.92
CA ARG B 75 -23.53 -12.82 24.30
C ARG B 75 -22.62 -13.70 25.16
N TYR B 76 -22.70 -13.56 26.48
CA TYR B 76 -21.78 -14.24 27.37
C TYR B 76 -22.34 -15.54 27.91
N GLU B 77 -23.52 -15.94 27.45
CA GLU B 77 -23.90 -17.35 27.56
C GLU B 77 -23.08 -18.21 26.62
N ALA B 78 -22.55 -17.63 25.55
CA ALA B 78 -21.74 -18.38 24.61
C ALA B 78 -20.42 -18.79 25.27
N PRO B 79 -19.99 -20.05 25.12
CA PRO B 79 -18.74 -20.48 25.77
C PRO B 79 -17.49 -19.95 25.10
N ASP B 80 -17.59 -19.28 23.94
CA ASP B 80 -16.44 -18.67 23.29
C ASP B 80 -16.39 -17.16 23.47
N GLU B 81 -17.16 -16.62 24.42
CA GLU B 81 -17.13 -15.19 24.73
C GLU B 81 -16.83 -15.05 26.21
N THR B 82 -15.77 -14.29 26.53
CA THR B 82 -15.33 -14.08 27.91
C THR B 82 -15.41 -12.59 28.22
N PRO B 83 -16.23 -12.18 29.18
CA PRO B 83 -16.41 -10.74 29.42
C PRO B 83 -15.23 -10.11 30.13
N PHE B 84 -15.00 -8.83 29.83
CA PHE B 84 -14.02 -8.04 30.55
C PHE B 84 -14.53 -7.60 31.92
N PHE B 85 -15.85 -7.50 32.09
CA PHE B 85 -16.47 -7.09 33.34
C PHE B 85 -17.47 -8.15 33.77
N PRO B 86 -17.00 -9.31 34.25
CA PRO B 86 -17.91 -10.43 34.51
C PRO B 86 -18.90 -10.20 35.64
N ASP B 87 -18.61 -9.29 36.58
CA ASP B 87 -19.48 -9.05 37.72
C ASP B 87 -20.44 -7.90 37.50
N GLN B 88 -20.43 -7.29 36.32
CA GLN B 88 -21.24 -6.11 36.04
C GLN B 88 -22.19 -6.32 34.87
N LEU B 89 -22.50 -7.56 34.54
CA LEU B 89 -23.41 -7.86 33.44
C LEU B 89 -24.86 -7.85 33.94
N LYS B 90 -25.78 -7.81 32.98
CA LYS B 90 -27.20 -7.74 33.27
C LYS B 90 -27.91 -9.01 32.85
N THR B 91 -29.10 -9.21 33.39
CA THR B 91 -29.89 -10.39 33.04
C THR B 91 -30.39 -10.27 31.61
N PRO B 92 -30.29 -11.33 30.81
CA PRO B 92 -30.74 -11.24 29.41
C PRO B 92 -32.25 -10.99 29.32
N ILE B 93 -32.63 -10.22 28.29
CA ILE B 93 -34.04 -9.98 28.00
C ILE B 93 -34.63 -11.03 27.09
N LEU B 94 -33.81 -11.87 26.46
CA LEU B 94 -34.22 -12.98 25.62
C LEU B 94 -34.01 -14.30 26.35
N PRO B 95 -34.88 -15.28 26.12
CA PRO B 95 -34.67 -16.60 26.71
C PRO B 95 -33.36 -17.17 26.24
N PRO B 96 -32.75 -18.06 27.02
CA PRO B 96 -31.39 -18.54 26.70
C PRO B 96 -31.35 -19.37 25.43
N ILE B 97 -30.15 -19.40 24.85
CA ILE B 97 -29.86 -20.23 23.68
C ILE B 97 -29.92 -21.71 24.06
N ASN B 98 -29.51 -22.04 25.28
CA ASN B 98 -29.34 -23.42 25.74
C ASN B 98 -28.26 -24.12 24.93
N TYR B 99 -27.01 -23.81 25.23
CA TYR B 99 -25.87 -24.52 24.66
C TYR B 99 -25.72 -25.87 25.36
N PRO B 100 -25.27 -26.90 24.64
CA PRO B 100 -24.91 -28.15 25.30
C PRO B 100 -23.61 -27.97 26.07
N LYS B 101 -23.33 -28.92 26.96
CA LYS B 101 -22.09 -28.84 27.71
C LYS B 101 -20.91 -29.21 26.81
N ILE B 102 -19.92 -28.32 26.76
CA ILE B 102 -18.69 -28.55 26.01
C ILE B 102 -17.47 -28.47 26.92
N LEU B 103 -17.37 -27.41 27.72
CA LEU B 103 -16.26 -27.21 28.64
C LEU B 103 -16.67 -27.58 30.06
N ALA B 104 -15.66 -27.64 30.93
CA ALA B 104 -15.89 -28.01 32.31
C ALA B 104 -16.72 -26.95 33.03
N LYS B 105 -17.29 -27.36 34.18
CA LYS B 105 -18.23 -26.52 34.91
C LYS B 105 -17.61 -25.20 35.36
N TYR B 106 -16.32 -25.22 35.71
CA TYR B 106 -15.62 -24.04 36.22
C TYR B 106 -15.06 -23.16 35.11
N SER B 107 -15.43 -23.40 33.84
CA SER B 107 -14.72 -22.80 32.73
C SER B 107 -14.81 -21.27 32.74
N ASP B 108 -15.93 -20.72 33.21
CA ASP B 108 -16.10 -19.27 33.20
C ASP B 108 -15.19 -18.54 34.18
N GLU B 109 -14.50 -19.26 35.06
CA GLU B 109 -13.64 -18.65 36.06
C GLU B 109 -12.24 -18.35 35.54
N ILE B 110 -11.82 -19.00 34.46
CA ILE B 110 -10.51 -18.73 33.85
C ILE B 110 -10.68 -17.53 32.92
N ASN B 111 -10.15 -16.39 33.34
CA ASN B 111 -10.39 -15.13 32.66
C ASN B 111 -9.14 -14.28 32.76
N VAL B 112 -8.45 -14.08 31.65
CA VAL B 112 -7.23 -13.29 31.62
C VAL B 112 -7.44 -11.93 30.94
N ASN B 113 -8.68 -11.44 30.91
CA ASN B 113 -8.95 -10.20 30.19
C ASN B 113 -8.24 -9.00 30.79
N SER B 114 -7.98 -9.03 32.10
CA SER B 114 -7.20 -7.96 32.73
C SER B 114 -5.81 -7.85 32.08
N GLU B 115 -5.16 -9.00 31.89
CA GLU B 115 -3.84 -9.00 31.26
C GLU B 115 -3.93 -8.52 29.81
N ILE B 116 -5.01 -8.86 29.12
CA ILE B 116 -5.15 -8.48 27.73
C ILE B 116 -5.28 -6.97 27.59
N MET B 117 -6.16 -6.36 28.39
CA MET B 117 -6.29 -4.91 28.41
C MET B 117 -4.94 -4.24 28.65
N LYS B 118 -4.12 -4.82 29.53
CA LYS B 118 -2.86 -4.20 29.90
C LYS B 118 -1.88 -4.20 28.74
N PHE B 119 -1.65 -5.37 28.12
CA PHE B 119 -0.64 -5.40 27.06
C PHE B 119 -1.15 -4.75 25.77
N TYR B 120 -2.46 -4.71 25.54
CA TYR B 120 -2.97 -3.99 24.39
C TYR B 120 -2.67 -2.50 24.52
N VAL B 121 -3.03 -1.92 25.67
CA VAL B 121 -2.85 -0.48 25.87
C VAL B 121 -1.38 -0.14 25.96
N ASP B 122 -0.61 -0.92 26.73
CA ASP B 122 0.78 -0.57 26.99
C ASP B 122 1.70 -0.89 25.82
N GLU B 123 1.41 -1.95 25.05
CA GLU B 123 2.37 -2.44 24.07
C GLU B 123 1.89 -2.43 22.63
N ILE B 124 0.59 -2.60 22.38
CA ILE B 124 0.09 -2.70 21.02
C ILE B 124 -0.35 -1.34 20.48
N VAL B 125 -1.15 -0.62 21.25
CA VAL B 125 -1.64 0.70 20.82
C VAL B 125 -0.49 1.61 20.35
N PRO B 126 0.59 1.81 21.11
CA PRO B 126 1.65 2.72 20.63
C PRO B 126 2.32 2.24 19.36
N GLN B 127 2.27 0.95 19.07
CA GLN B 127 2.98 0.39 17.92
C GLN B 127 2.13 0.30 16.66
N VAL B 128 0.80 0.34 16.77
CA VAL B 128 -0.04 0.32 15.58
C VAL B 128 -0.60 1.70 15.23
N SER B 129 -0.71 2.61 16.20
CA SER B 129 -1.23 3.94 15.92
C SER B 129 -0.41 4.65 14.86
N CYS B 130 -1.09 5.49 14.06
CA CYS B 130 -0.41 6.20 12.99
C CYS B 130 0.61 7.21 13.51
N GLY B 131 0.49 7.61 14.77
CA GLY B 131 1.43 8.56 15.34
C GLY B 131 1.08 8.84 16.78
N GLN B 132 1.93 9.62 17.43
CA GLN B 132 1.72 10.02 18.81
C GLN B 132 0.92 11.31 18.87
N GLY B 133 -0.06 11.33 19.74
CA GLY B 133 -0.81 12.55 20.02
C GLY B 133 -2.27 12.28 20.30
N ASP B 134 -2.95 13.31 20.80
CA ASP B 134 -4.38 13.29 21.07
C ASP B 134 -5.12 14.00 19.95
N GLN B 135 -6.32 13.50 19.65
CA GLN B 135 -7.23 14.12 18.68
C GLN B 135 -8.63 13.98 19.27
N LYS B 136 -9.14 15.08 19.85
CA LYS B 136 -10.36 15.00 20.64
C LYS B 136 -11.54 14.51 19.80
N GLU B 137 -11.60 14.90 18.53
CA GLU B 137 -12.71 14.53 17.67
C GLU B 137 -12.64 13.08 17.21
N ASN B 138 -11.67 12.30 17.68
CA ASN B 138 -11.61 10.87 17.36
C ASN B 138 -11.51 10.03 18.62
N LEU B 139 -11.89 10.57 19.77
CA LEU B 139 -11.95 9.77 20.98
C LEU B 139 -12.89 8.59 20.81
N GLY B 140 -14.07 8.83 20.22
CA GLY B 140 -15.01 7.74 20.02
C GLY B 140 -14.52 6.72 19.00
N SER B 141 -14.05 7.22 17.85
CA SER B 141 -13.60 6.33 16.78
C SER B 141 -12.47 5.44 17.24
N ALA B 142 -11.50 6.02 17.95
CA ALA B 142 -10.35 5.22 18.39
C ALA B 142 -10.75 4.22 19.47
N SER B 143 -11.64 4.63 20.38
CA SER B 143 -12.06 3.70 21.43
C SER B 143 -12.87 2.54 20.86
N THR B 144 -13.75 2.82 19.90
CA THR B 144 -14.51 1.73 19.27
C THR B 144 -13.58 0.74 18.59
N CYS B 145 -12.59 1.23 17.84
CA CYS B 145 -11.63 0.33 17.20
C CYS B 145 -10.90 -0.52 18.23
N ASP B 146 -10.46 0.11 19.33
CA ASP B 146 -9.82 -0.65 20.41
C ASP B 146 -10.71 -1.78 20.89
N ILE B 147 -12.01 -1.51 21.00
CA ILE B 147 -12.95 -2.49 21.54
C ILE B 147 -13.06 -3.69 20.60
N GLU B 148 -13.17 -3.45 19.30
CA GLU B 148 -13.15 -4.53 18.32
C GLU B 148 -11.87 -5.35 18.46
N CYS B 149 -10.72 -4.68 18.57
CA CYS B 149 -9.45 -5.38 18.76
C CYS B 149 -9.46 -6.21 20.03
N LEU B 150 -9.85 -5.61 21.15
CA LEU B 150 -9.79 -6.28 22.43
C LEU B 150 -10.68 -7.52 22.45
N GLN B 151 -11.87 -7.43 21.84
CA GLN B 151 -12.78 -8.57 21.85
C GLN B 151 -12.27 -9.68 20.93
N ALA B 152 -11.66 -9.33 19.80
CA ALA B 152 -11.12 -10.38 18.93
C ALA B 152 -9.93 -11.06 19.59
N ILE B 153 -9.07 -10.29 20.25
CA ILE B 153 -7.90 -10.87 20.92
C ILE B 153 -8.34 -11.74 22.09
N SER B 154 -9.28 -11.24 22.90
CA SER B 154 -9.77 -12.03 24.03
C SER B 154 -10.39 -13.34 23.57
N ARG B 155 -11.18 -13.32 22.50
CA ARG B 155 -11.80 -14.54 22.02
C ARG B 155 -10.75 -15.54 21.56
N ARG B 156 -9.68 -15.06 20.92
CA ARG B 156 -8.63 -15.96 20.46
C ARG B 156 -7.87 -16.58 21.62
N ILE B 157 -7.57 -15.78 22.64
CA ILE B 157 -6.79 -16.28 23.76
C ILE B 157 -7.59 -17.24 24.61
N HIS B 158 -8.85 -16.89 24.90
CA HIS B 158 -9.70 -17.77 25.69
C HIS B 158 -10.18 -18.97 24.90
N PHE B 159 -9.94 -19.01 23.58
CA PHE B 159 -10.17 -20.22 22.83
C PHE B 159 -9.24 -21.35 23.26
N GLY B 160 -8.20 -21.05 24.03
CA GLY B 160 -7.35 -22.09 24.59
C GLY B 160 -8.07 -23.04 25.52
N LYS B 161 -9.25 -22.65 26.02
CA LYS B 161 -10.07 -23.57 26.80
C LYS B 161 -10.52 -24.75 25.94
N PHE B 162 -11.02 -24.46 24.74
CA PHE B 162 -11.42 -25.52 23.82
C PHE B 162 -10.23 -26.37 23.39
N VAL B 163 -9.08 -25.74 23.20
CA VAL B 163 -7.86 -26.49 22.86
C VAL B 163 -7.53 -27.48 23.97
N ALA B 164 -7.48 -27.01 25.21
CA ALA B 164 -7.11 -27.88 26.33
C ALA B 164 -8.11 -29.02 26.50
N GLU B 165 -9.41 -28.73 26.39
CA GLU B 165 -10.42 -29.77 26.57
C GLU B 165 -10.35 -30.80 25.44
N ALA B 166 -10.06 -30.34 24.21
CA ALA B 166 -9.93 -31.27 23.09
C ALA B 166 -8.71 -32.16 23.26
N LYS B 167 -7.57 -31.57 23.62
CA LYS B 167 -6.38 -32.37 23.90
C LYS B 167 -6.63 -33.34 25.05
N TYR B 168 -7.24 -32.86 26.13
CA TYR B 168 -7.49 -33.70 27.29
C TYR B 168 -8.30 -34.94 26.91
N GLN B 169 -9.30 -34.77 26.06
CA GLN B 169 -10.16 -35.88 25.67
C GLN B 169 -9.51 -36.78 24.63
N SER B 170 -8.51 -36.30 23.89
CA SER B 170 -7.85 -37.14 22.91
C SER B 170 -6.93 -38.17 23.57
N ASP B 171 -6.33 -37.80 24.72
CA ASP B 171 -5.45 -38.70 25.45
C ASP B 171 -5.64 -38.40 26.94
N LYS B 172 -6.77 -38.88 27.48
CA LYS B 172 -7.03 -38.71 28.91
C LYS B 172 -5.84 -39.24 29.70
N PRO B 173 -5.59 -40.58 29.72
CA PRO B 173 -4.63 -41.16 30.69
C PRO B 173 -3.37 -40.33 30.92
N LEU B 174 -2.82 -39.77 29.85
CA LEU B 174 -1.64 -38.93 29.96
C LEU B 174 -1.87 -37.78 30.93
N TYR B 175 -2.94 -36.99 30.71
CA TYR B 175 -3.03 -35.69 31.36
C TYR B 175 -3.35 -35.83 32.85
N ILE B 176 -4.21 -36.77 33.25
CA ILE B 176 -4.54 -36.86 34.67
C ILE B 176 -3.28 -37.14 35.49
N LYS B 177 -2.43 -38.05 35.02
CA LYS B 177 -1.18 -38.31 35.73
C LYS B 177 -0.39 -37.02 35.94
N LEU B 178 -0.44 -36.12 34.96
CA LEU B 178 0.26 -34.85 35.06
C LEU B 178 -0.45 -33.91 36.03
N ILE B 179 -1.78 -33.77 35.88
CA ILE B 179 -2.54 -32.89 36.76
C ILE B 179 -2.48 -33.39 38.20
N LEU B 180 -2.47 -34.72 38.38
CA LEU B 180 -2.34 -35.27 39.72
C LEU B 180 -1.01 -34.91 40.36
N ASP B 181 0.03 -34.72 39.55
CA ASP B 181 1.38 -34.52 40.04
C ASP B 181 1.84 -33.06 39.98
N LYS B 182 0.94 -32.13 39.64
CA LYS B 182 1.21 -30.70 39.70
C LYS B 182 2.43 -30.30 38.87
N ASP B 183 2.56 -30.93 37.69
CA ASP B 183 3.72 -30.70 36.83
C ASP B 183 3.28 -29.77 35.71
N VAL B 184 3.37 -28.46 35.97
CA VAL B 184 2.98 -27.45 34.99
C VAL B 184 3.92 -27.49 33.79
N LYS B 185 5.17 -27.89 33.99
CA LYS B 185 6.10 -27.98 32.87
C LYS B 185 5.79 -29.17 31.99
N GLY B 186 5.41 -30.31 32.58
CA GLY B 186 5.02 -31.45 31.79
C GLY B 186 3.75 -31.20 31.00
N ILE B 187 2.79 -30.50 31.60
CA ILE B 187 1.59 -30.10 30.86
C ILE B 187 1.95 -29.09 29.78
N GLU B 188 2.82 -28.13 30.10
CA GLU B 188 3.26 -27.16 29.11
C GLU B 188 3.92 -27.85 27.92
N ASN B 189 4.74 -28.86 28.18
CA ASN B 189 5.43 -29.56 27.10
C ASN B 189 4.44 -30.30 26.20
N SER B 190 3.41 -30.90 26.79
CA SER B 190 2.46 -31.69 26.02
C SER B 190 1.56 -30.85 25.12
N ILE B 191 1.36 -29.57 25.46
CA ILE B 191 0.50 -28.70 24.67
C ILE B 191 1.27 -27.77 23.75
N THR B 192 2.59 -27.68 23.89
CA THR B 192 3.40 -26.77 23.09
C THR B 192 3.94 -27.48 21.86
N ASN B 193 3.75 -26.88 20.68
CA ASN B 193 4.38 -27.33 19.44
C ASN B 193 5.08 -26.11 18.84
N SER B 194 6.38 -26.01 19.09
CA SER B 194 7.14 -24.85 18.64
C SER B 194 7.12 -24.71 17.12
N ALA B 195 7.14 -25.83 16.39
CA ALA B 195 7.20 -25.76 14.94
C ALA B 195 5.97 -25.09 14.36
N VAL B 196 4.78 -25.44 14.87
CA VAL B 196 3.56 -24.77 14.38
C VAL B 196 3.54 -23.32 14.80
N GLU B 197 4.16 -22.98 15.94
CA GLU B 197 4.21 -21.59 16.36
C GLU B 197 5.00 -20.73 15.37
N GLN B 198 6.14 -21.23 14.90
CA GLN B 198 6.88 -20.51 13.88
C GLN B 198 6.14 -20.45 12.55
N LYS B 199 5.23 -21.39 12.31
CA LYS B 199 4.53 -21.40 11.02
C LYS B 199 3.36 -20.43 11.00
N ILE B 200 2.59 -20.34 12.10
CA ILE B 200 1.56 -19.30 12.17
C ILE B 200 2.22 -17.93 12.14
N LEU B 201 3.45 -17.82 12.68
CA LEU B 201 4.14 -16.53 12.72
C LEU B 201 4.54 -16.06 11.33
N GLU B 202 5.13 -16.97 10.53
CA GLU B 202 5.50 -16.61 9.17
C GLU B 202 4.27 -16.29 8.32
N ARG B 203 3.16 -16.99 8.58
CA ARG B 203 1.92 -16.69 7.88
C ARG B 203 1.40 -15.31 8.26
N LEU B 204 1.54 -14.92 9.53
CA LEU B 204 1.07 -13.62 9.97
C LEU B 204 1.77 -12.49 9.22
N ILE B 205 3.08 -12.62 9.02
CA ILE B 205 3.83 -11.58 8.32
C ILE B 205 3.31 -11.42 6.90
N VAL B 206 3.06 -12.53 6.21
CA VAL B 206 2.51 -12.46 4.86
C VAL B 206 1.11 -11.88 4.89
N LYS B 207 0.31 -12.24 5.91
CA LYS B 207 -1.04 -11.70 6.01
C LYS B 207 -1.02 -10.20 6.24
N ALA B 208 -0.07 -9.71 7.05
CA ALA B 208 0.00 -8.28 7.31
C ALA B 208 0.29 -7.50 6.04
N GLU B 209 1.13 -8.07 5.16
CA GLU B 209 1.43 -7.38 3.90
C GLU B 209 0.25 -7.47 2.93
N SER B 210 -0.39 -8.63 2.84
CA SER B 210 -1.48 -8.81 1.90
C SER B 210 -2.70 -7.98 2.29
N TYR B 211 -2.98 -7.89 3.59
CA TYR B 211 -4.16 -7.15 4.05
C TYR B 211 -3.89 -5.69 4.32
N GLY B 212 -2.63 -5.30 4.51
CA GLY B 212 -2.32 -3.94 4.92
C GLY B 212 -1.75 -3.05 3.83
N VAL B 213 -1.44 -3.64 2.67
CA VAL B 213 -0.93 -2.89 1.52
C VAL B 213 -2.04 -2.80 0.49
N ASP B 214 -2.38 -1.57 0.08
CA ASP B 214 -3.33 -1.37 -0.99
C ASP B 214 -2.84 -2.10 -2.23
N PRO B 215 -3.61 -3.06 -2.76
CA PRO B 215 -3.07 -3.93 -3.83
C PRO B 215 -2.85 -3.20 -5.13
N SER B 216 -3.49 -2.05 -5.36
CA SER B 216 -3.20 -1.24 -6.53
C SER B 216 -1.83 -0.59 -6.46
N LEU B 217 -1.19 -0.58 -5.28
CA LEU B 217 0.13 0.00 -5.09
C LEU B 217 1.14 -1.04 -4.62
N LYS B 218 0.90 -2.33 -4.91
CA LYS B 218 1.71 -3.41 -4.35
C LYS B 218 3.14 -3.37 -4.89
N GLN B 221 7.30 0.98 -5.74
CA GLN B 221 8.52 1.22 -4.97
C GLN B 221 8.33 1.41 -3.43
N ASN B 222 7.79 2.53 -2.98
CA ASN B 222 7.50 2.69 -1.55
C ASN B 222 6.26 1.90 -1.15
N VAL B 223 6.42 0.59 -0.93
CA VAL B 223 5.32 -0.21 -0.42
C VAL B 223 5.39 -0.13 1.10
N GLN B 224 4.35 0.47 1.69
CA GLN B 224 4.30 0.66 3.13
C GLN B 224 3.01 0.04 3.66
N SER B 225 3.15 -0.99 4.48
CA SER B 225 2.01 -1.64 5.09
C SER B 225 1.39 -0.73 6.15
N LYS B 226 0.06 -0.80 6.25
CA LYS B 226 -0.64 0.02 7.24
C LYS B 226 -0.23 -0.37 8.66
N VAL B 227 0.07 -1.64 8.89
CA VAL B 227 0.56 -2.14 10.16
C VAL B 227 1.84 -2.92 9.90
N LYS B 228 2.87 -2.63 10.68
CA LYS B 228 4.16 -3.27 10.48
C LYS B 228 4.03 -4.78 10.63
N PRO B 229 4.48 -5.56 9.65
CA PRO B 229 4.36 -7.03 9.76
C PRO B 229 5.02 -7.59 11.01
N GLU B 230 6.16 -7.03 11.42
CA GLU B 230 6.86 -7.51 12.61
C GLU B 230 6.08 -7.22 13.90
N VAL B 231 5.22 -6.21 13.91
CA VAL B 231 4.44 -5.92 15.10
C VAL B 231 3.32 -6.95 15.28
N ILE B 232 2.75 -7.41 14.16
CA ILE B 232 1.71 -8.43 14.24
C ILE B 232 2.31 -9.76 14.66
N ALA B 233 3.50 -10.08 14.17
CA ALA B 233 4.18 -11.31 14.58
C ALA B 233 4.53 -11.26 16.05
N LYS B 234 5.10 -10.14 16.52
CA LYS B 234 5.52 -10.04 17.90
C LYS B 234 4.33 -9.99 18.85
N LEU B 235 3.17 -9.53 18.37
CA LEU B 235 1.96 -9.57 19.19
C LEU B 235 1.59 -11.00 19.55
N TYR B 236 1.63 -11.90 18.57
CA TYR B 236 1.35 -13.31 18.84
C TYR B 236 2.47 -13.94 19.66
N LYS B 237 3.73 -13.64 19.32
CA LYS B 237 4.85 -14.34 19.92
C LYS B 237 5.02 -13.97 21.39
N ASP B 238 4.89 -12.69 21.73
CA ASP B 238 5.13 -12.22 23.08
C ASP B 238 3.89 -12.22 23.96
N TRP B 239 2.68 -12.28 23.39
CA TRP B 239 1.49 -12.12 24.21
C TRP B 239 0.40 -13.14 23.90
N ILE B 240 -0.07 -13.20 22.66
CA ILE B 240 -1.24 -14.03 22.35
C ILE B 240 -0.92 -15.50 22.57
N ILE B 241 0.16 -16.00 21.97
CA ILE B 241 0.53 -17.41 22.16
C ILE B 241 0.84 -17.73 23.62
N PRO B 242 1.67 -16.97 24.34
CA PRO B 242 1.89 -17.30 25.75
C PRO B 242 0.63 -17.25 26.60
N LEU B 243 -0.24 -16.27 26.37
CA LEU B 243 -1.45 -16.18 27.19
C LEU B 243 -2.44 -17.29 26.84
N THR B 244 -2.50 -17.71 25.57
CA THR B 244 -3.35 -18.85 25.23
C THR B 244 -2.87 -20.11 25.96
N LYS B 245 -1.55 -20.30 26.02
CA LYS B 245 -1.03 -21.45 26.74
C LYS B 245 -1.29 -21.33 28.24
N LYS B 246 -1.23 -20.10 28.77
CA LYS B 246 -1.55 -19.89 30.18
C LYS B 246 -2.99 -20.31 30.47
N VAL B 247 -3.92 -19.90 29.60
CA VAL B 247 -5.30 -20.35 29.74
C VAL B 247 -5.37 -21.87 29.70
N GLU B 248 -4.66 -22.50 28.77
CA GLU B 248 -4.69 -23.95 28.63
C GLU B 248 -4.22 -24.63 29.92
N ILE B 249 -3.08 -24.18 30.46
CA ILE B 249 -2.54 -24.81 31.65
C ILE B 249 -3.46 -24.61 32.85
N ASP B 250 -3.99 -23.39 33.02
CA ASP B 250 -4.89 -23.13 34.13
C ASP B 250 -6.20 -23.89 33.98
N TYR B 251 -6.61 -24.17 32.74
CA TYR B 251 -7.78 -25.01 32.53
C TYR B 251 -7.49 -26.46 32.91
N LEU B 252 -6.36 -26.99 32.45
CA LEU B 252 -6.04 -28.38 32.70
C LEU B 252 -5.72 -28.63 34.17
N LEU B 253 -5.08 -27.65 34.82
CA LEU B 253 -4.71 -27.82 36.24
C LEU B 253 -5.92 -28.04 37.13
N ARG B 254 -7.10 -27.63 36.69
CA ARG B 254 -8.34 -27.80 37.45
C ARG B 254 -9.26 -28.85 36.84
N ARG B 255 -8.77 -29.61 35.84
CA ARG B 255 -9.64 -30.44 35.02
C ARG B 255 -10.30 -31.56 35.83
N LEU B 256 -9.64 -32.04 36.89
CA LEU B 256 -10.16 -33.18 37.62
C LEU B 256 -11.42 -32.85 38.43
N GLU B 257 -11.73 -31.57 38.63
CA GLU B 257 -12.95 -31.18 39.31
C GLU B 257 -14.20 -31.65 38.58
N ASP B 258 -14.09 -32.03 37.32
CA ASP B 258 -15.24 -32.41 36.49
C ASP B 258 -15.04 -33.79 35.91
N GLU B 259 -14.52 -34.72 36.70
CA GLU B 259 -14.47 -36.12 36.33
C GLU B 259 -14.80 -36.97 37.53
N ASP B 260 -15.57 -38.01 37.27
CA ASP B 260 -16.00 -38.93 38.31
C ASP B 260 -14.77 -39.57 38.87
N VAL B 261 -14.75 -39.92 40.15
CA VAL B 261 -13.53 -40.47 40.72
C VAL B 261 -13.37 -41.96 40.47
N GLU B 262 -13.09 -42.26 39.22
CA GLU B 262 -12.72 -43.51 38.64
C GLU B 262 -11.39 -43.14 37.90
N LEU B 263 -10.77 -42.04 38.34
CA LEU B 263 -9.52 -41.48 37.96
C LEU B 263 -8.62 -42.40 38.71
N VAL B 264 -9.15 -42.97 39.81
CA VAL B 264 -8.38 -43.87 40.66
C VAL B 264 -7.71 -44.95 39.83
N GLU B 265 -8.26 -45.27 38.66
CA GLU B 265 -7.57 -46.15 37.72
C GLU B 265 -6.19 -45.62 37.39
N LYS B 266 -6.10 -44.34 37.01
CA LYS B 266 -4.81 -43.76 36.62
C LYS B 266 -3.99 -43.32 37.82
N TYR B 267 -4.64 -43.19 38.99
CA TYR B 267 -4.00 -42.79 40.23
C TYR B 267 -2.72 -43.57 40.53
N SER C 1 24.50 31.18 -11.03
CA SER C 1 23.91 31.99 -12.09
C SER C 1 22.54 32.51 -11.69
N MET C 2 21.87 31.81 -10.78
CA MET C 2 20.54 32.23 -10.32
C MET C 2 20.65 33.50 -9.49
N ASP C 3 19.80 34.47 -9.79
CA ASP C 3 19.72 35.73 -9.07
C ASP C 3 18.28 35.94 -8.63
N PHE C 4 18.01 35.76 -7.34
CA PHE C 4 16.64 35.89 -6.86
C PHE C 4 16.13 37.32 -6.89
N MET C 5 16.99 38.29 -7.20
CA MET C 5 16.55 39.64 -7.49
C MET C 5 16.21 39.85 -8.96
N LYS C 6 16.48 38.86 -9.81
CA LYS C 6 16.15 38.91 -11.24
C LYS C 6 15.35 37.65 -11.58
N PRO C 7 14.02 37.75 -11.60
CA PRO C 7 13.19 36.54 -11.77
C PRO C 7 13.47 35.75 -13.03
N GLU C 8 13.98 36.39 -14.09
CA GLU C 8 14.25 35.67 -15.33
C GLU C 8 15.41 34.69 -15.17
N THR C 9 16.39 35.01 -14.34
CA THR C 9 17.46 34.05 -14.04
C THR C 9 16.98 32.93 -13.13
N VAL C 10 15.89 33.13 -12.40
CA VAL C 10 15.37 32.11 -11.50
C VAL C 10 14.51 31.13 -12.26
N LEU C 11 13.51 31.63 -12.99
CA LEU C 11 12.62 30.79 -13.79
C LEU C 11 13.34 30.39 -15.07
N ASP C 12 14.33 29.51 -14.89
CA ASP C 12 15.19 29.04 -15.98
C ASP C 12 15.50 27.58 -15.71
N LEU C 13 14.92 26.67 -16.51
CA LEU C 13 15.07 25.25 -16.25
C LEU C 13 16.54 24.82 -16.26
N ALA C 14 17.36 25.46 -17.08
CA ALA C 14 18.78 25.15 -17.09
C ALA C 14 19.48 25.62 -15.82
N ASN C 15 19.09 26.80 -15.31
CA ASN C 15 19.66 27.28 -14.06
C ASN C 15 19.16 26.47 -12.87
N ILE C 16 17.90 26.04 -12.91
CA ILE C 16 17.34 25.26 -11.81
C ILE C 16 18.02 23.90 -11.72
N ARG C 17 18.18 23.22 -12.87
CA ARG C 17 18.91 21.96 -12.90
C ARG C 17 20.25 22.07 -12.21
N GLN C 18 20.94 23.19 -12.41
CA GLN C 18 22.29 23.32 -11.90
C GLN C 18 22.28 23.59 -10.40
N ALA C 19 21.29 24.36 -9.91
CA ALA C 19 21.14 24.51 -8.47
C ALA C 19 20.84 23.16 -7.84
N LEU C 20 20.03 22.33 -8.51
CA LEU C 20 19.67 21.03 -7.96
C LEU C 20 20.90 20.14 -7.81
N VAL C 21 21.77 20.11 -8.82
CA VAL C 21 22.97 19.29 -8.74
C VAL C 21 23.87 19.77 -7.60
N ARG C 22 24.02 21.09 -7.46
CA ARG C 22 24.79 21.62 -6.34
C ARG C 22 24.18 21.20 -5.00
N MET C 23 22.85 21.05 -4.94
CA MET C 23 22.23 20.60 -3.69
C MET C 23 22.51 19.14 -3.42
N GLU C 24 22.79 18.34 -4.46
CA GLU C 24 23.19 16.94 -4.23
C GLU C 24 24.42 16.88 -3.33
N ASP C 25 25.43 17.70 -3.62
CA ASP C 25 26.63 17.74 -2.78
C ASP C 25 26.28 18.12 -1.35
N THR C 26 25.39 19.09 -1.18
CA THR C 26 25.02 19.55 0.15
C THR C 26 24.34 18.43 0.95
N ILE C 27 23.44 17.68 0.32
CA ILE C 27 22.75 16.61 1.02
C ILE C 27 23.69 15.47 1.33
N VAL C 28 24.60 15.14 0.40
CA VAL C 28 25.55 14.06 0.65
C VAL C 28 26.50 14.42 1.78
N PHE C 29 26.98 15.66 1.80
CA PHE C 29 27.83 16.13 2.90
C PHE C 29 27.12 16.00 4.25
N ASP C 30 25.84 16.40 4.31
CA ASP C 30 25.15 16.44 5.59
C ASP C 30 24.87 15.03 6.12
N LEU C 31 24.52 14.10 5.23
CA LEU C 31 24.28 12.74 5.66
C LEU C 31 25.57 12.07 6.12
N ILE C 32 26.68 12.38 5.45
CA ILE C 32 27.98 11.87 5.89
C ILE C 32 28.30 12.38 7.28
N GLU C 33 27.93 13.62 7.58
CA GLU C 33 28.11 14.14 8.94
C GLU C 33 27.20 13.43 9.93
N ARG C 34 25.95 13.15 9.53
CA ARG C 34 25.04 12.44 10.42
C ARG C 34 25.53 11.01 10.70
N SER C 35 26.34 10.45 9.82
CA SER C 35 26.79 9.07 9.95
C SER C 35 27.77 8.87 11.11
N GLN C 36 28.25 9.93 11.75
CA GLN C 36 29.17 9.79 12.87
C GLN C 36 28.48 9.38 14.16
N PHE C 37 27.15 9.44 14.21
CA PHE C 37 26.42 9.25 15.45
C PHE C 37 25.43 8.09 15.32
N PHE C 38 25.12 7.48 16.46
CA PHE C 38 24.24 6.33 16.48
C PHE C 38 22.81 6.73 16.14
N SER C 39 21.95 5.71 16.01
CA SER C 39 20.55 5.93 15.67
C SER C 39 19.89 6.91 16.62
N SER C 40 20.31 6.92 17.88
CA SER C 40 19.86 7.90 18.87
C SER C 40 18.34 7.98 18.97
N PRO C 41 17.67 6.87 19.29
CA PRO C 41 16.19 6.90 19.33
C PRO C 41 15.63 7.93 20.31
N SER C 42 16.40 8.31 21.33
CA SER C 42 15.89 9.28 22.31
C SER C 42 15.63 10.64 21.69
N VAL C 43 16.40 11.01 20.66
CA VAL C 43 16.22 12.31 20.02
C VAL C 43 14.81 12.45 19.45
N TYR C 44 14.22 11.34 19.02
CA TYR C 44 12.98 11.34 18.25
C TYR C 44 11.79 10.81 19.03
N GLU C 45 11.97 10.48 20.30
CA GLU C 45 10.87 10.00 21.13
C GLU C 45 10.12 11.17 21.74
N LYS C 46 8.81 11.21 21.51
CA LYS C 46 7.97 12.32 21.97
C LYS C 46 8.03 12.44 23.49
N ASN C 47 8.52 13.59 23.97
CA ASN C 47 8.48 13.97 25.38
C ASN C 47 9.31 13.07 26.28
N LYS C 48 10.33 12.40 25.77
CA LYS C 48 11.18 11.57 26.64
C LYS C 48 11.81 12.41 27.73
N TYR C 49 12.36 13.56 27.36
CA TYR C 49 12.95 14.47 28.31
C TYR C 49 11.93 15.51 28.72
N ASN C 50 12.06 15.99 29.96
CA ASN C 50 11.10 16.94 30.50
C ASN C 50 11.56 18.37 30.24
N ILE C 51 11.46 18.76 28.98
CA ILE C 51 11.61 20.16 28.60
C ILE C 51 10.32 20.84 29.04
N PRO C 52 10.37 21.73 30.03
CA PRO C 52 9.14 22.25 30.63
C PRO C 52 8.25 22.94 29.60
N ASN C 53 6.97 22.58 29.63
CA ASN C 53 5.89 23.16 28.84
C ASN C 53 6.07 22.94 27.35
N PHE C 54 6.94 22.02 26.95
CA PHE C 54 7.12 21.66 25.55
C PHE C 54 6.55 20.28 25.30
N ASP C 55 5.76 20.16 24.23
CA ASP C 55 5.22 18.88 23.79
C ASP C 55 5.85 18.54 22.45
N GLY C 56 6.71 17.53 22.43
CA GLY C 56 7.34 17.13 21.19
C GLY C 56 8.64 16.39 21.47
N THR C 57 9.39 16.17 20.40
CA THR C 57 10.66 15.47 20.50
C THR C 57 11.80 16.45 20.73
N PHE C 58 12.91 15.91 21.22
CA PHE C 58 14.13 16.70 21.38
C PHE C 58 14.50 17.41 20.09
N LEU C 59 14.45 16.68 18.96
CA LEU C 59 14.81 17.26 17.67
C LEU C 59 13.87 18.41 17.33
N GLU C 60 12.58 18.27 17.63
CA GLU C 60 11.62 19.32 17.33
C GLU C 60 11.90 20.57 18.14
N TRP C 61 12.31 20.42 19.40
CA TRP C 61 12.62 21.59 20.22
C TRP C 61 13.81 22.35 19.66
N ALA C 62 14.87 21.65 19.26
CA ALA C 62 16.04 22.32 18.70
C ALA C 62 15.71 22.98 17.38
N LEU C 63 14.92 22.32 16.53
CA LEU C 63 14.52 22.91 15.27
C LEU C 63 13.65 24.15 15.47
N LEU C 64 12.73 24.10 16.45
CA LEU C 64 11.88 25.25 16.71
C LEU C 64 12.69 26.44 17.15
N GLN C 65 13.64 26.24 18.07
CA GLN C 65 14.48 27.36 18.51
C GLN C 65 15.19 28.01 17.34
N LEU C 66 15.74 27.20 16.43
CA LEU C 66 16.49 27.75 15.30
C LEU C 66 15.56 28.49 14.33
N GLU C 67 14.39 27.91 14.06
CA GLU C 67 13.47 28.56 13.12
C GLU C 67 12.99 29.90 13.68
N VAL C 68 12.73 29.95 14.98
CA VAL C 68 12.28 31.20 15.60
C VAL C 68 13.36 32.27 15.46
N ALA C 69 14.61 31.91 15.78
CA ALA C 69 15.71 32.87 15.66
C ALA C 69 15.87 33.34 14.21
N HIS C 70 15.87 32.40 13.26
CA HIS C 70 16.13 32.79 11.87
C HIS C 70 14.97 33.59 11.28
N SER C 71 13.75 33.35 11.76
CA SER C 71 12.61 34.13 11.27
C SER C 71 12.78 35.61 11.59
N GLN C 72 13.47 35.93 12.68
CA GLN C 72 13.68 37.33 13.03
C GLN C 72 14.62 38.04 12.08
N ILE C 73 15.50 37.29 11.42
CA ILE C 73 16.41 37.91 10.45
C ILE C 73 16.03 37.48 9.03
N ARG C 74 14.73 37.29 8.79
CA ARG C 74 14.12 37.28 7.46
C ARG C 74 14.32 36.00 6.66
N ARG C 75 14.65 34.87 7.32
CA ARG C 75 14.96 33.66 6.56
C ARG C 75 13.79 33.21 5.69
N TYR C 76 12.58 33.25 6.24
CA TYR C 76 11.43 32.70 5.55
C TYR C 76 10.69 33.73 4.70
N GLU C 77 11.25 34.93 4.57
CA GLU C 77 10.86 35.81 3.48
C GLU C 77 11.38 35.29 2.14
N ALA C 78 12.41 34.43 2.16
CA ALA C 78 12.99 33.92 0.94
C ALA C 78 12.03 32.95 0.26
N PRO C 79 11.91 33.01 -1.07
CA PRO C 79 11.01 32.08 -1.78
C PRO C 79 11.46 30.64 -1.73
N ASP C 80 12.72 30.36 -1.42
CA ASP C 80 13.23 28.99 -1.39
C ASP C 80 13.50 28.49 0.02
N GLU C 81 12.84 29.06 1.03
CA GLU C 81 12.93 28.58 2.40
C GLU C 81 11.53 28.31 2.93
N THR C 82 11.29 27.08 3.35
CA THR C 82 9.99 26.65 3.84
C THR C 82 10.12 26.20 5.28
N PRO C 83 9.45 26.85 6.23
CA PRO C 83 9.66 26.52 7.64
C PRO C 83 8.95 25.23 8.05
N PHE C 84 9.55 24.54 9.01
CA PHE C 84 8.92 23.38 9.62
C PHE C 84 7.86 23.77 10.64
N PHE C 85 7.93 24.98 11.19
CA PHE C 85 6.98 25.47 12.18
C PHE C 85 6.37 26.79 11.71
N PRO C 86 5.60 26.75 10.61
CA PRO C 86 5.15 28.01 10.00
C PRO C 86 4.32 28.90 10.91
N ASP C 87 3.63 28.34 11.90
CA ASP C 87 2.72 29.11 12.73
C ASP C 87 3.36 29.64 14.00
N GLN C 88 4.65 29.39 14.22
CA GLN C 88 5.32 29.81 15.45
C GLN C 88 6.55 30.66 15.14
N LEU C 89 6.54 31.33 13.99
CA LEU C 89 7.60 32.25 13.62
C LEU C 89 7.36 33.63 14.25
N LYS C 90 8.43 34.43 14.31
CA LYS C 90 8.37 35.74 14.92
C LYS C 90 8.43 36.84 13.87
N THR C 91 7.97 38.02 14.25
CA THR C 91 8.11 39.18 13.40
C THR C 91 9.60 39.46 13.18
N PRO C 92 10.02 39.78 11.96
CA PRO C 92 11.44 40.10 11.74
C PRO C 92 11.82 41.41 12.41
N ILE C 93 13.10 41.49 12.80
CA ILE C 93 13.64 42.69 13.41
C ILE C 93 14.46 43.52 12.42
N LEU C 94 14.50 43.12 11.16
CA LEU C 94 15.15 43.86 10.08
C LEU C 94 14.13 44.19 8.99
N PRO C 95 14.34 45.27 8.24
CA PRO C 95 13.40 45.60 7.15
C PRO C 95 13.44 44.55 6.05
N PRO C 96 12.38 44.41 5.27
CA PRO C 96 12.30 43.26 4.35
C PRO C 96 13.30 43.35 3.20
N ILE C 97 13.67 42.17 2.69
CA ILE C 97 14.57 42.09 1.55
C ILE C 97 13.95 42.72 0.32
N ASN C 98 12.63 42.63 0.18
CA ASN C 98 11.92 43.05 -1.02
C ASN C 98 12.31 42.17 -2.20
N TYR C 99 11.93 40.90 -2.15
CA TYR C 99 12.08 40.03 -3.31
C TYR C 99 11.07 40.45 -4.37
N PRO C 100 11.43 40.36 -5.66
CA PRO C 100 10.41 40.48 -6.70
C PRO C 100 9.54 39.22 -6.71
N LYS C 101 8.30 39.38 -7.18
CA LYS C 101 7.42 38.23 -7.25
C LYS C 101 7.96 37.22 -8.25
N ILE C 102 7.99 35.95 -7.85
CA ILE C 102 8.48 34.88 -8.70
C ILE C 102 7.44 33.78 -8.77
N LEU C 103 7.02 33.29 -7.61
CA LEU C 103 6.02 32.24 -7.51
C LEU C 103 4.63 32.85 -7.35
N ALA C 104 3.62 32.00 -7.50
CA ALA C 104 2.24 32.44 -7.33
C ALA C 104 1.95 32.75 -5.87
N LYS C 105 0.91 33.57 -5.66
CA LYS C 105 0.62 34.13 -4.35
C LYS C 105 0.30 33.09 -3.29
N TYR C 106 -0.13 31.88 -3.69
CA TYR C 106 -0.50 30.86 -2.73
C TYR C 106 0.66 29.95 -2.34
N SER C 107 1.86 30.20 -2.86
CA SER C 107 2.94 29.21 -2.80
C SER C 107 3.31 28.83 -1.38
N ASP C 108 3.07 29.71 -0.41
CA ASP C 108 3.42 29.41 0.97
C ASP C 108 2.60 28.24 1.53
N GLU C 109 1.37 28.07 1.04
CA GLU C 109 0.50 27.03 1.56
C GLU C 109 0.87 25.62 1.10
N ILE C 110 1.89 25.48 0.27
CA ILE C 110 2.37 24.17 -0.15
C ILE C 110 3.60 23.84 0.68
N ASN C 111 3.41 23.01 1.69
CA ASN C 111 4.45 22.73 2.69
C ASN C 111 4.36 21.26 3.07
N VAL C 112 5.33 20.47 2.61
CA VAL C 112 5.37 19.05 2.90
C VAL C 112 6.44 18.72 3.94
N ASN C 113 6.82 19.69 4.77
CA ASN C 113 7.88 19.45 5.76
C ASN C 113 7.49 18.39 6.77
N SER C 114 6.21 18.25 7.08
CA SER C 114 5.78 17.21 8.01
C SER C 114 6.02 15.82 7.43
N GLU C 115 5.84 15.65 6.12
CA GLU C 115 6.17 14.38 5.50
C GLU C 115 7.69 14.17 5.45
N ILE C 116 8.44 15.25 5.21
CA ILE C 116 9.90 15.17 5.19
C ILE C 116 10.42 14.70 6.54
N MET C 117 9.93 15.32 7.61
CA MET C 117 10.35 14.92 8.96
C MET C 117 10.01 13.46 9.23
N LYS C 118 8.91 12.97 8.67
CA LYS C 118 8.49 11.59 8.94
C LYS C 118 9.42 10.58 8.29
N PHE C 119 9.72 10.74 7.00
CA PHE C 119 10.55 9.73 6.36
C PHE C 119 12.01 9.88 6.75
N TYR C 120 12.46 11.08 7.12
CA TYR C 120 13.85 11.24 7.55
C TYR C 120 14.09 10.50 8.87
N VAL C 121 13.22 10.70 9.85
CA VAL C 121 13.38 10.06 11.14
C VAL C 121 13.18 8.55 11.01
N ASP C 122 12.17 8.12 10.25
CA ASP C 122 11.80 6.72 10.23
C ASP C 122 12.65 5.90 9.27
N GLU C 123 12.98 6.44 8.09
CA GLU C 123 13.63 5.66 7.06
C GLU C 123 15.10 6.00 6.84
N ILE C 124 15.50 7.24 7.08
CA ILE C 124 16.86 7.67 6.74
C ILE C 124 17.81 7.50 7.92
N VAL C 125 17.41 7.98 9.10
CA VAL C 125 18.29 7.94 10.26
C VAL C 125 18.83 6.55 10.56
N PRO C 126 18.00 5.49 10.62
CA PRO C 126 18.57 4.16 10.91
C PRO C 126 19.47 3.63 9.81
N GLN C 127 19.31 4.10 8.57
CA GLN C 127 20.16 3.61 7.49
C GLN C 127 21.50 4.33 7.44
N VAL C 128 21.53 5.62 7.79
CA VAL C 128 22.76 6.40 7.67
C VAL C 128 23.57 6.46 8.96
N SER C 129 22.95 6.20 10.11
CA SER C 129 23.67 6.25 11.38
C SER C 129 24.73 5.15 11.44
N CYS C 130 25.78 5.39 12.24
CA CYS C 130 26.89 4.44 12.37
C CYS C 130 26.53 3.18 13.12
N GLY C 131 25.24 2.90 13.34
CA GLY C 131 24.83 1.73 14.09
C GLY C 131 23.73 2.03 15.07
N GLN C 132 23.26 1.00 15.76
CA GLN C 132 22.19 1.15 16.73
C GLN C 132 22.78 1.45 18.11
N GLY C 133 22.22 2.45 18.78
CA GLY C 133 22.72 2.89 20.06
C GLY C 133 22.14 4.24 20.41
N ASP C 134 22.38 4.64 21.66
CA ASP C 134 21.80 5.89 22.18
C ASP C 134 22.77 6.46 23.20
N GLN C 135 23.48 7.52 22.83
CA GLN C 135 24.46 8.15 23.70
C GLN C 135 23.90 9.48 24.19
N LYS C 136 23.71 9.59 25.51
CA LYS C 136 23.14 10.80 26.08
C LYS C 136 24.04 12.01 25.84
N GLU C 137 25.35 11.79 25.73
CA GLU C 137 26.30 12.87 25.48
C GLU C 137 26.41 13.22 24.00
N ASN C 138 25.54 12.70 23.14
CA ASN C 138 25.53 13.05 21.73
C ASN C 138 24.13 13.37 21.22
N LEU C 139 23.20 13.64 22.14
CA LEU C 139 21.85 14.05 21.74
C LEU C 139 21.88 15.32 20.92
N GLY C 140 22.66 16.31 21.37
CA GLY C 140 22.74 17.56 20.63
C GLY C 140 23.46 17.40 19.31
N SER C 141 24.60 16.70 19.32
CA SER C 141 25.39 16.54 18.11
C SER C 141 24.58 15.87 17.01
N ALA C 142 23.83 14.81 17.35
CA ALA C 142 22.97 14.17 16.37
C ALA C 142 21.85 15.12 15.93
N SER C 143 21.29 15.87 16.86
CA SER C 143 20.17 16.76 16.56
C SER C 143 20.57 17.84 15.56
N THR C 144 21.72 18.48 15.79
CA THR C 144 22.18 19.52 14.89
C THR C 144 22.45 18.97 13.49
N CYS C 145 23.08 17.79 13.43
CA CYS C 145 23.21 17.11 12.14
C CYS C 145 21.87 16.84 11.51
N ASP C 146 20.90 16.36 12.30
CA ASP C 146 19.56 16.10 11.77
C ASP C 146 18.95 17.36 11.17
N ILE C 147 19.14 18.50 11.84
CA ILE C 147 18.55 19.75 11.36
C ILE C 147 19.20 20.18 10.05
N GLU C 148 20.52 20.00 9.93
CA GLU C 148 21.20 20.30 8.67
C GLU C 148 20.61 19.48 7.52
N CYS C 149 20.49 18.17 7.72
CA CYS C 149 19.91 17.31 6.69
C CYS C 149 18.48 17.73 6.37
N LEU C 150 17.68 17.98 7.41
CA LEU C 150 16.28 18.29 7.23
C LEU C 150 16.08 19.57 6.42
N GLN C 151 16.91 20.59 6.68
CA GLN C 151 16.76 21.84 5.95
C GLN C 151 17.30 21.73 4.53
N ALA C 152 18.32 20.89 4.31
CA ALA C 152 18.80 20.65 2.95
C ALA C 152 17.75 19.90 2.13
N ILE C 153 17.15 18.85 2.69
CA ILE C 153 16.15 18.09 1.96
C ILE C 153 14.90 18.93 1.71
N SER C 154 14.47 19.70 2.71
CA SER C 154 13.30 20.55 2.55
C SER C 154 13.50 21.56 1.43
N ARG C 155 14.69 22.17 1.36
CA ARG C 155 14.93 23.15 0.30
C ARG C 155 14.97 22.50 -1.07
N ARG C 156 15.58 21.32 -1.18
CA ARG C 156 15.57 20.58 -2.44
C ARG C 156 14.16 20.23 -2.87
N ILE C 157 13.36 19.70 -1.95
CA ILE C 157 12.02 19.23 -2.30
C ILE C 157 11.12 20.38 -2.70
N HIS C 158 11.13 21.45 -1.90
CA HIS C 158 10.26 22.59 -2.16
C HIS C 158 10.74 23.44 -3.34
N PHE C 159 11.97 23.23 -3.81
CA PHE C 159 12.42 23.86 -5.05
C PHE C 159 11.59 23.42 -6.25
N GLY C 160 10.77 22.38 -6.13
CA GLY C 160 9.86 22.01 -7.19
C GLY C 160 8.90 23.13 -7.58
N LYS C 161 8.65 24.07 -6.66
CA LYS C 161 7.83 25.23 -6.98
C LYS C 161 8.44 26.02 -8.14
N PHE C 162 9.76 26.19 -8.15
CA PHE C 162 10.40 26.89 -9.26
C PHE C 162 10.40 26.04 -10.51
N VAL C 163 10.54 24.73 -10.38
CA VAL C 163 10.43 23.84 -11.53
C VAL C 163 9.05 23.95 -12.15
N ALA C 164 8.01 23.84 -11.32
CA ALA C 164 6.64 23.88 -11.83
C ALA C 164 6.34 25.23 -12.47
N GLU C 165 6.74 26.33 -11.81
CA GLU C 165 6.45 27.65 -12.35
C GLU C 165 7.18 27.90 -13.66
N ALA C 166 8.44 27.48 -13.75
CA ALA C 166 9.19 27.66 -15.00
C ALA C 166 8.59 26.80 -16.11
N LYS C 167 8.14 25.58 -15.79
CA LYS C 167 7.50 24.74 -16.79
C LYS C 167 6.17 25.33 -17.23
N TYR C 168 5.41 25.89 -16.29
CA TYR C 168 4.15 26.54 -16.64
C TYR C 168 4.38 27.71 -17.58
N GLN C 169 5.40 28.52 -17.33
CA GLN C 169 5.67 29.66 -18.19
C GLN C 169 6.14 29.24 -19.58
N SER C 170 6.77 28.07 -19.70
CA SER C 170 7.28 27.62 -20.99
C SER C 170 6.16 27.19 -21.93
N ASP C 171 5.01 26.80 -21.40
CA ASP C 171 3.88 26.38 -22.23
C ASP C 171 2.57 26.53 -21.47
N LYS C 172 2.09 27.77 -21.32
CA LYS C 172 0.87 27.99 -20.56
C LYS C 172 -0.34 27.31 -21.19
N PRO C 173 -0.62 27.46 -22.50
CA PRO C 173 -1.80 26.78 -23.07
C PRO C 173 -1.91 25.30 -22.71
N LEU C 174 -0.77 24.59 -22.65
CA LEU C 174 -0.81 23.17 -22.28
C LEU C 174 -1.30 22.99 -20.85
N TYR C 175 -0.65 23.66 -19.90
CA TYR C 175 -0.96 23.42 -18.50
C TYR C 175 -2.33 23.99 -18.12
N ILE C 176 -2.68 25.17 -18.66
CA ILE C 176 -4.02 25.72 -18.43
C ILE C 176 -5.10 24.72 -18.81
N LYS C 177 -4.95 24.06 -19.96
CA LYS C 177 -5.92 23.06 -20.37
C LYS C 177 -5.92 21.86 -19.42
N LEU C 178 -4.73 21.45 -18.97
CA LEU C 178 -4.63 20.32 -18.06
C LEU C 178 -5.16 20.68 -16.67
N ILE C 179 -4.93 21.91 -16.23
CA ILE C 179 -5.43 22.34 -14.92
C ILE C 179 -6.95 22.32 -14.89
N LEU C 180 -7.58 22.80 -15.97
CA LEU C 180 -9.04 22.79 -16.03
C LEU C 180 -9.60 21.38 -15.97
N ASP C 181 -8.84 20.39 -16.46
CA ASP C 181 -9.30 19.01 -16.49
C ASP C 181 -9.06 18.28 -15.17
N LYS C 182 -8.24 18.83 -14.27
CA LYS C 182 -7.75 18.09 -13.11
C LYS C 182 -7.11 16.77 -13.54
N ASP C 183 -6.37 16.82 -14.64
CA ASP C 183 -5.69 15.65 -15.21
C ASP C 183 -4.38 15.45 -14.47
N VAL C 184 -4.48 14.82 -13.29
CA VAL C 184 -3.31 14.61 -12.44
C VAL C 184 -2.25 13.80 -13.16
N LYS C 185 -2.67 12.78 -13.91
CA LYS C 185 -1.72 11.92 -14.61
C LYS C 185 -1.09 12.66 -15.79
N GLY C 186 -1.88 13.44 -16.53
CA GLY C 186 -1.34 14.20 -17.64
C GLY C 186 -0.30 15.22 -17.21
N ILE C 187 -0.55 15.88 -16.08
CA ILE C 187 0.43 16.83 -15.56
C ILE C 187 1.73 16.11 -15.21
N GLU C 188 1.61 14.98 -14.50
CA GLU C 188 2.79 14.24 -14.08
C GLU C 188 3.59 13.77 -15.29
N ASN C 189 2.92 13.42 -16.39
CA ASN C 189 3.63 13.07 -17.61
C ASN C 189 4.48 14.22 -18.10
N SER C 190 3.91 15.43 -18.12
CA SER C 190 4.59 16.57 -18.71
C SER C 190 5.79 17.03 -17.89
N ILE C 191 5.84 16.66 -16.61
CA ILE C 191 6.96 17.07 -15.76
C ILE C 191 7.97 15.93 -15.55
N THR C 192 7.57 14.68 -15.73
CA THR C 192 8.46 13.56 -15.47
C THR C 192 9.38 13.30 -16.65
N ASN C 193 10.65 13.04 -16.34
CA ASN C 193 11.63 12.60 -17.33
C ASN C 193 12.29 11.34 -16.78
N SER C 194 11.98 10.19 -17.38
CA SER C 194 12.55 8.93 -16.92
C SER C 194 14.07 8.94 -16.99
N ALA C 195 14.62 9.53 -18.06
CA ALA C 195 16.06 9.50 -18.26
C ALA C 195 16.79 10.38 -17.26
N VAL C 196 16.30 11.60 -17.05
CA VAL C 196 17.01 12.55 -16.19
C VAL C 196 17.14 12.02 -14.77
N GLU C 197 16.07 11.40 -14.25
CA GLU C 197 16.15 10.81 -12.92
C GLU C 197 17.18 9.70 -12.85
N GLN C 198 17.33 8.94 -13.94
CA GLN C 198 18.31 7.85 -13.96
C GLN C 198 19.74 8.38 -13.94
N LYS C 199 20.00 9.51 -14.61
CA LYS C 199 21.32 10.10 -14.56
C LYS C 199 21.60 10.73 -13.20
N ILE C 200 20.60 11.38 -12.61
CA ILE C 200 20.74 11.91 -11.25
C ILE C 200 21.04 10.77 -10.28
N LEU C 201 20.26 9.69 -10.37
CA LEU C 201 20.50 8.53 -9.52
C LEU C 201 21.90 7.98 -9.71
N GLU C 202 22.36 7.93 -10.97
CA GLU C 202 23.70 7.43 -11.25
C GLU C 202 24.78 8.35 -10.68
N ARG C 203 24.51 9.66 -10.66
CA ARG C 203 25.50 10.60 -10.15
C ARG C 203 25.64 10.50 -8.63
N LEU C 204 24.53 10.30 -7.92
CA LEU C 204 24.59 10.22 -6.47
C LEU C 204 25.36 9.00 -5.99
N ILE C 205 25.28 7.89 -6.74
CA ILE C 205 26.12 6.73 -6.44
C ILE C 205 27.59 7.14 -6.45
N VAL C 206 27.99 7.85 -7.49
CA VAL C 206 29.40 8.24 -7.62
C VAL C 206 29.76 9.25 -6.54
N LYS C 207 28.89 10.25 -6.31
CA LYS C 207 29.17 11.25 -5.29
C LYS C 207 29.30 10.61 -3.91
N ALA C 208 28.48 9.59 -3.62
CA ALA C 208 28.53 8.96 -2.31
C ALA C 208 29.86 8.25 -2.08
N GLU C 209 30.54 7.82 -3.15
CA GLU C 209 31.82 7.15 -2.99
C GLU C 209 32.98 8.13 -2.91
N SER C 210 33.02 9.12 -3.81
CA SER C 210 34.11 10.09 -3.78
C SER C 210 34.06 10.93 -2.50
N TYR C 211 32.86 11.32 -2.08
CA TYR C 211 32.73 12.12 -0.86
C TYR C 211 32.81 11.27 0.40
N GLY C 212 32.53 9.96 0.30
CA GLY C 212 32.44 9.12 1.48
C GLY C 212 33.62 8.20 1.71
N VAL C 213 34.48 8.04 0.70
CA VAL C 213 35.68 7.21 0.83
C VAL C 213 36.87 8.13 1.03
N ASP C 214 37.62 7.88 2.10
CA ASP C 214 38.78 8.70 2.45
C ASP C 214 39.82 8.69 1.33
N PRO C 215 40.19 9.84 0.77
CA PRO C 215 41.18 9.85 -0.32
C PRO C 215 42.58 9.48 0.12
N SER C 216 42.89 9.58 1.41
CA SER C 216 44.20 9.14 1.89
C SER C 216 44.41 7.64 1.71
N LEU C 217 43.37 6.90 1.37
CA LEU C 217 43.49 5.47 1.10
C LEU C 217 42.67 5.09 -0.13
N ASN C 222 41.03 1.14 -0.45
CA ASN C 222 39.85 0.47 -0.99
C ASN C 222 38.93 0.03 0.13
N VAL C 223 37.89 0.82 0.39
CA VAL C 223 36.95 0.52 1.48
C VAL C 223 35.53 0.88 1.05
N GLN C 224 34.63 0.96 2.02
CA GLN C 224 33.26 1.40 1.79
C GLN C 224 33.07 2.79 2.39
N SER C 225 32.21 3.57 1.75
CA SER C 225 32.01 4.96 2.15
C SER C 225 31.28 5.04 3.49
N LYS C 226 31.38 6.22 4.11
CA LYS C 226 30.72 6.44 5.40
C LYS C 226 29.20 6.27 5.28
N VAL C 227 28.64 6.67 4.14
CA VAL C 227 27.26 6.36 3.78
C VAL C 227 27.30 5.27 2.73
N LYS C 228 26.44 4.26 2.90
CA LYS C 228 26.29 3.27 1.85
C LYS C 228 25.76 3.96 0.59
N PRO C 229 26.48 3.92 -0.53
CA PRO C 229 26.04 4.67 -1.71
C PRO C 229 24.63 4.29 -2.17
N GLU C 230 24.22 3.05 -1.91
CA GLU C 230 22.86 2.64 -2.26
C GLU C 230 21.82 3.43 -1.48
N VAL C 231 22.11 3.75 -0.21
CA VAL C 231 21.15 4.46 0.63
C VAL C 231 20.86 5.86 0.08
N ILE C 232 21.87 6.52 -0.50
CA ILE C 232 21.64 7.84 -1.08
C ILE C 232 20.67 7.74 -2.25
N ALA C 233 20.85 6.74 -3.10
CA ALA C 233 19.96 6.57 -4.25
C ALA C 233 18.53 6.28 -3.80
N LYS C 234 18.37 5.42 -2.79
CA LYS C 234 17.03 5.16 -2.25
C LYS C 234 16.36 6.46 -1.82
N LEU C 235 17.08 7.28 -1.04
CA LEU C 235 16.50 8.51 -0.52
C LEU C 235 15.95 9.38 -1.64
N TYR C 236 16.70 9.53 -2.73
CA TYR C 236 16.21 10.29 -3.87
C TYR C 236 15.07 9.55 -4.56
N LYS C 237 15.29 8.29 -4.93
CA LYS C 237 14.32 7.56 -5.75
C LYS C 237 13.03 7.29 -4.98
N ASP C 238 13.14 7.00 -3.67
CA ASP C 238 11.96 6.69 -2.88
C ASP C 238 11.28 7.92 -2.27
N TRP C 239 11.99 9.01 -2.09
CA TRP C 239 11.45 10.09 -1.25
C TRP C 239 11.59 11.48 -1.89
N ILE C 240 12.81 11.87 -2.23
CA ILE C 240 13.04 13.25 -2.65
C ILE C 240 12.44 13.49 -4.03
N ILE C 241 12.69 12.60 -4.98
CA ILE C 241 12.09 12.74 -6.32
C ILE C 241 10.56 12.68 -6.27
N PRO C 242 9.93 11.70 -5.60
CA PRO C 242 8.45 11.69 -5.62
C PRO C 242 7.84 12.88 -4.91
N LEU C 243 8.40 13.30 -3.76
CA LEU C 243 7.82 14.43 -3.05
C LEU C 243 7.98 15.73 -3.83
N THR C 244 9.13 15.90 -4.49
CA THR C 244 9.30 17.06 -5.36
C THR C 244 8.23 17.12 -6.43
N LYS C 245 7.87 15.95 -6.99
CA LYS C 245 6.81 15.90 -7.99
C LYS C 245 5.47 16.28 -7.39
N LYS C 246 5.16 15.74 -6.20
CA LYS C 246 3.94 16.13 -5.51
C LYS C 246 3.87 17.64 -5.29
N VAL C 247 5.01 18.26 -4.96
CA VAL C 247 5.05 19.71 -4.82
C VAL C 247 4.75 20.38 -6.16
N GLU C 248 5.40 19.91 -7.22
CA GLU C 248 5.16 20.47 -8.56
C GLU C 248 3.68 20.32 -8.95
N ILE C 249 3.13 19.12 -8.78
CA ILE C 249 1.74 18.88 -9.16
C ILE C 249 0.80 19.75 -8.32
N ASP C 250 1.01 19.78 -7.00
CA ASP C 250 0.14 20.59 -6.15
C ASP C 250 0.26 22.08 -6.47
N TYR C 251 1.47 22.54 -6.80
CA TYR C 251 1.64 23.92 -7.21
C TYR C 251 0.85 24.22 -8.48
N LEU C 252 0.98 23.34 -9.49
CA LEU C 252 0.34 23.59 -10.78
C LEU C 252 -1.17 23.54 -10.68
N LEU C 253 -1.71 22.59 -9.91
CA LEU C 253 -3.16 22.42 -9.81
C LEU C 253 -3.87 23.68 -9.33
N ARG C 254 -3.15 24.58 -8.64
CA ARG C 254 -3.74 25.81 -8.14
C ARG C 254 -3.28 27.04 -8.93
N ARG C 255 -2.60 26.85 -10.07
CA ARG C 255 -1.95 27.97 -10.74
C ARG C 255 -2.97 28.98 -11.29
N LEU C 256 -4.15 28.53 -11.67
CA LEU C 256 -5.14 29.46 -12.22
C LEU C 256 -5.70 30.40 -11.17
N GLU C 257 -5.45 30.14 -9.88
CA GLU C 257 -5.79 31.12 -8.85
C GLU C 257 -5.05 32.43 -9.06
N ASP C 258 -3.82 32.38 -9.58
CA ASP C 258 -3.01 33.57 -9.81
C ASP C 258 -2.84 33.85 -11.30
N GLU C 259 -3.83 33.50 -12.10
CA GLU C 259 -3.85 33.78 -13.54
C GLU C 259 -5.04 34.65 -13.87
N ASP C 260 -4.82 35.72 -14.63
CA ASP C 260 -5.95 36.54 -15.06
C ASP C 260 -6.82 35.74 -16.03
N VAL C 261 -8.10 36.09 -16.08
CA VAL C 261 -9.03 35.33 -16.89
C VAL C 261 -8.65 35.64 -18.32
N GLU C 262 -7.52 35.08 -18.76
CA GLU C 262 -7.28 34.82 -20.17
C GLU C 262 -7.42 33.33 -20.38
N LEU C 263 -7.49 32.57 -19.29
CA LEU C 263 -7.71 31.13 -19.33
C LEU C 263 -9.14 30.84 -19.78
N VAL C 264 -9.93 31.89 -20.00
CA VAL C 264 -11.21 31.73 -20.65
C VAL C 264 -11.01 31.29 -22.10
N GLU C 265 -9.97 31.81 -22.76
CA GLU C 265 -9.67 31.43 -24.13
C GLU C 265 -9.33 29.94 -24.19
N LYS C 266 -8.20 29.56 -23.60
CA LYS C 266 -7.76 28.16 -23.58
C LYS C 266 -8.63 27.43 -22.57
N TYR C 267 -9.83 27.06 -23.00
CA TYR C 267 -10.79 26.33 -22.19
C TYR C 267 -11.75 25.60 -23.14
N SER D 1 0.44 -17.75 -32.54
CA SER D 1 -0.26 -17.84 -33.82
C SER D 1 0.64 -17.40 -34.97
N MET D 2 1.91 -17.17 -34.67
CA MET D 2 2.86 -16.78 -35.69
C MET D 2 3.14 -17.95 -36.63
N ASP D 3 3.37 -17.63 -37.90
CA ASP D 3 3.79 -18.61 -38.89
C ASP D 3 4.87 -17.95 -39.74
N PHE D 4 6.12 -18.38 -39.55
CA PHE D 4 7.21 -17.79 -40.31
C PHE D 4 7.16 -18.16 -41.79
N MET D 5 6.28 -19.08 -42.18
CA MET D 5 5.97 -19.28 -43.59
C MET D 5 4.92 -18.32 -44.10
N LYS D 6 4.13 -17.72 -43.21
CA LYS D 6 3.11 -16.73 -43.56
C LYS D 6 3.51 -15.37 -42.98
N PRO D 7 4.17 -14.50 -43.75
CA PRO D 7 4.73 -13.28 -43.15
C PRO D 7 3.69 -12.33 -42.57
N GLU D 8 2.43 -12.41 -42.99
CA GLU D 8 1.42 -11.53 -42.43
C GLU D 8 1.16 -11.83 -40.96
N THR D 9 1.23 -13.10 -40.55
CA THR D 9 1.05 -13.46 -39.15
C THR D 9 2.27 -13.13 -38.30
N VAL D 10 3.43 -12.97 -38.91
CA VAL D 10 4.64 -12.63 -38.15
C VAL D 10 4.63 -11.15 -37.77
N LEU D 11 4.29 -10.28 -38.71
CA LEU D 11 4.34 -8.84 -38.50
C LEU D 11 3.06 -8.28 -37.90
N ASP D 12 2.33 -9.07 -37.12
CA ASP D 12 1.13 -8.60 -36.44
C ASP D 12 1.49 -8.28 -34.99
N LEU D 13 1.22 -7.04 -34.57
CA LEU D 13 1.72 -6.56 -33.29
C LEU D 13 1.14 -7.36 -32.13
N ALA D 14 -0.13 -7.77 -32.23
CA ALA D 14 -0.71 -8.59 -31.18
C ALA D 14 0.01 -9.92 -31.05
N ASN D 15 0.40 -10.50 -32.19
CA ASN D 15 1.11 -11.78 -32.15
C ASN D 15 2.53 -11.60 -31.63
N ILE D 16 3.17 -10.48 -31.98
CA ILE D 16 4.52 -10.22 -31.50
C ILE D 16 4.54 -10.10 -29.98
N ARG D 17 3.64 -9.27 -29.43
CA ARG D 17 3.57 -9.13 -27.97
C ARG D 17 3.33 -10.47 -27.31
N GLN D 18 2.48 -11.32 -27.91
CA GLN D 18 2.21 -12.62 -27.33
C GLN D 18 3.46 -13.50 -27.32
N ALA D 19 4.21 -13.53 -28.43
CA ALA D 19 5.46 -14.27 -28.44
C ALA D 19 6.45 -13.71 -27.43
N LEU D 20 6.44 -12.38 -27.24
CA LEU D 20 7.33 -11.78 -26.26
C LEU D 20 6.95 -12.17 -24.84
N VAL D 21 5.65 -12.23 -24.54
CA VAL D 21 5.20 -12.62 -23.21
C VAL D 21 5.63 -14.05 -22.90
N ARG D 22 5.46 -14.95 -23.87
CA ARG D 22 5.90 -16.33 -23.67
C ARG D 22 7.41 -16.40 -23.45
N MET D 23 8.17 -15.47 -24.05
CA MET D 23 9.61 -15.45 -23.86
C MET D 23 10.00 -15.06 -22.44
N GLU D 24 9.13 -14.36 -21.71
CA GLU D 24 9.41 -14.06 -20.31
C GLU D 24 9.59 -15.34 -19.50
N ASP D 25 8.66 -16.30 -19.66
CA ASP D 25 8.74 -17.55 -18.92
C ASP D 25 10.04 -18.29 -19.23
N THR D 26 10.37 -18.41 -20.52
CA THR D 26 11.61 -19.06 -20.92
C THR D 26 12.81 -18.48 -20.22
N ILE D 27 12.91 -17.14 -20.22
CA ILE D 27 14.04 -16.47 -19.61
C ILE D 27 14.07 -16.70 -18.10
N VAL D 28 12.91 -16.66 -17.46
CA VAL D 28 12.85 -16.93 -16.02
C VAL D 28 13.26 -18.36 -15.73
N PHE D 29 12.81 -19.31 -16.55
CA PHE D 29 13.18 -20.71 -16.35
C PHE D 29 14.68 -20.90 -16.43
N ASP D 30 15.31 -20.38 -17.48
CA ASP D 30 16.75 -20.60 -17.66
C ASP D 30 17.56 -19.93 -16.56
N LEU D 31 17.12 -18.76 -16.09
CA LEU D 31 17.84 -18.10 -15.00
C LEU D 31 17.69 -18.89 -13.70
N ILE D 32 16.52 -19.51 -13.48
CA ILE D 32 16.34 -20.34 -12.30
C ILE D 32 17.29 -21.53 -12.33
N GLU D 33 17.45 -22.16 -13.50
CA GLU D 33 18.39 -23.27 -13.62
C GLU D 33 19.82 -22.81 -13.38
N ARG D 34 20.17 -21.62 -13.89
CA ARG D 34 21.52 -21.10 -13.69
C ARG D 34 21.82 -20.84 -12.22
N SER D 35 20.79 -20.64 -11.40
CA SER D 35 21.00 -20.29 -9.99
C SER D 35 21.39 -21.49 -9.13
N GLN D 36 21.46 -22.69 -9.69
CA GLN D 36 21.93 -23.84 -8.91
C GLN D 36 23.43 -23.83 -8.72
N PHE D 37 24.17 -23.04 -9.50
CA PHE D 37 25.62 -23.13 -9.55
C PHE D 37 26.25 -21.81 -9.14
N PHE D 38 27.46 -21.88 -8.62
CA PHE D 38 28.17 -20.71 -8.12
C PHE D 38 28.50 -19.77 -9.28
N SER D 39 29.08 -18.61 -8.93
CA SER D 39 29.36 -17.60 -9.94
C SER D 39 30.37 -18.07 -10.96
N SER D 40 31.28 -18.98 -10.57
CA SER D 40 32.18 -19.66 -11.48
C SER D 40 32.98 -18.71 -12.37
N PRO D 41 33.80 -17.84 -11.79
CA PRO D 41 34.51 -16.84 -12.61
C PRO D 41 35.46 -17.44 -13.63
N SER D 42 35.98 -18.65 -13.39
CA SER D 42 36.91 -19.27 -14.33
C SER D 42 36.24 -19.63 -15.65
N VAL D 43 34.91 -19.78 -15.66
CA VAL D 43 34.20 -20.08 -16.90
C VAL D 43 34.31 -18.92 -17.88
N TYR D 44 34.50 -17.71 -17.37
CA TYR D 44 34.46 -16.48 -18.17
C TYR D 44 35.82 -15.83 -18.29
N GLU D 45 36.89 -16.51 -17.90
CA GLU D 45 38.24 -15.98 -17.99
C GLU D 45 38.93 -16.49 -19.25
N LYS D 46 39.44 -15.56 -20.06
CA LYS D 46 40.06 -15.90 -21.33
C LYS D 46 41.25 -16.85 -21.13
N ASN D 47 41.21 -17.98 -21.83
CA ASN D 47 42.33 -18.94 -21.87
C ASN D 47 42.75 -19.41 -20.47
N LYS D 48 41.79 -19.44 -19.54
CA LYS D 48 42.10 -19.93 -18.20
C LYS D 48 42.52 -21.40 -18.22
N TYR D 49 41.79 -22.22 -18.97
CA TYR D 49 42.07 -23.63 -19.11
C TYR D 49 42.84 -23.90 -20.39
N ASN D 50 43.63 -24.98 -20.38
CA ASN D 50 44.49 -25.34 -21.50
C ASN D 50 43.70 -26.06 -22.59
N ILE D 51 42.75 -25.34 -23.17
CA ILE D 51 42.03 -25.85 -24.34
C ILE D 51 42.93 -25.61 -25.55
N PRO D 52 43.36 -26.65 -26.25
CA PRO D 52 44.31 -26.45 -27.35
C PRO D 52 43.64 -25.77 -28.52
N ASN D 53 44.46 -25.01 -29.29
CA ASN D 53 44.01 -24.38 -30.53
C ASN D 53 42.71 -23.60 -30.34
N PHE D 54 42.68 -22.78 -29.30
CA PHE D 54 41.48 -22.00 -29.01
C PHE D 54 41.85 -20.75 -28.22
N ASP D 55 41.31 -19.61 -28.64
CA ASP D 55 41.51 -18.33 -27.99
C ASP D 55 40.16 -17.83 -27.49
N GLY D 56 39.89 -17.98 -26.20
CA GLY D 56 38.66 -17.51 -25.63
C GLY D 56 38.39 -18.15 -24.29
N THR D 57 37.19 -17.90 -23.77
CA THR D 57 36.76 -18.43 -22.49
C THR D 57 36.18 -19.82 -22.65
N PHE D 58 36.13 -20.55 -21.52
CA PHE D 58 35.47 -21.85 -21.47
C PHE D 58 34.05 -21.75 -22.00
N LEU D 59 33.31 -20.73 -21.58
CA LEU D 59 31.94 -20.55 -22.07
C LEU D 59 31.92 -20.40 -23.58
N GLU D 60 32.85 -19.63 -24.13
CA GLU D 60 32.87 -19.41 -25.57
C GLU D 60 33.17 -20.70 -26.33
N TRP D 61 34.03 -21.57 -25.79
CA TRP D 61 34.29 -22.84 -26.44
C TRP D 61 33.02 -23.67 -26.52
N ALA D 62 32.28 -23.78 -25.42
CA ALA D 62 31.05 -24.57 -25.43
C ALA D 62 30.02 -23.97 -26.36
N LEU D 63 29.87 -22.65 -26.33
CA LEU D 63 28.92 -21.98 -27.21
C LEU D 63 29.29 -22.19 -28.68
N LEU D 64 30.59 -22.15 -29.00
CA LEU D 64 31.02 -22.31 -30.38
C LEU D 64 30.70 -23.70 -30.91
N GLN D 65 31.02 -24.75 -30.12
CA GLN D 65 30.73 -26.12 -30.57
C GLN D 65 29.25 -26.29 -30.90
N LEU D 66 28.37 -25.68 -30.12
CA LEU D 66 26.94 -25.83 -30.36
C LEU D 66 26.51 -25.07 -31.61
N GLU D 67 26.95 -23.83 -31.75
CA GLU D 67 26.54 -23.03 -32.90
C GLU D 67 27.01 -23.65 -34.20
N VAL D 68 28.22 -24.22 -34.20
CA VAL D 68 28.73 -24.90 -35.39
C VAL D 68 27.82 -26.07 -35.75
N ALA D 69 27.48 -26.92 -34.77
CA ALA D 69 26.62 -28.06 -35.03
C ALA D 69 25.25 -27.61 -35.55
N HIS D 70 24.68 -26.58 -34.93
CA HIS D 70 23.34 -26.14 -35.31
C HIS D 70 23.33 -25.44 -36.66
N SER D 71 24.44 -24.82 -37.05
CA SER D 71 24.50 -24.20 -38.37
C SER D 71 24.37 -25.25 -39.48
N GLN D 72 24.89 -26.45 -39.24
CA GLN D 72 24.78 -27.51 -40.25
C GLN D 72 23.33 -27.92 -40.49
N ILE D 73 22.44 -27.72 -39.52
CA ILE D 73 21.04 -28.09 -39.69
C ILE D 73 20.14 -26.85 -39.70
N ARG D 74 20.68 -25.74 -40.21
CA ARG D 74 19.91 -24.59 -40.68
C ARG D 74 19.36 -23.70 -39.55
N ARG D 75 20.05 -23.65 -38.41
CA ARG D 75 19.53 -22.85 -37.30
C ARG D 75 19.49 -21.36 -37.64
N TYR D 76 20.61 -20.82 -38.12
CA TYR D 76 20.70 -19.39 -38.35
C TYR D 76 20.17 -18.97 -39.71
N GLU D 77 19.57 -19.91 -40.44
CA GLU D 77 18.71 -19.55 -41.55
C GLU D 77 17.42 -18.90 -41.04
N ALA D 78 17.00 -19.25 -39.83
CA ALA D 78 15.78 -18.68 -39.27
C ALA D 78 15.98 -17.20 -38.96
N PRO D 79 15.05 -16.33 -39.34
CA PRO D 79 15.23 -14.89 -39.08
C PRO D 79 15.14 -14.51 -37.60
N ASP D 80 14.67 -15.41 -36.74
CA ASP D 80 14.61 -15.15 -35.30
C ASP D 80 15.79 -15.74 -34.55
N GLU D 81 16.86 -16.09 -35.26
CA GLU D 81 18.04 -16.72 -34.66
C GLU D 81 19.29 -15.97 -35.10
N THR D 82 19.98 -15.34 -34.15
CA THR D 82 21.16 -14.54 -34.44
C THR D 82 22.38 -15.17 -33.77
N PRO D 83 23.40 -15.57 -34.53
CA PRO D 83 24.52 -16.31 -33.95
C PRO D 83 25.49 -15.43 -33.18
N PHE D 84 26.16 -16.06 -32.20
CA PHE D 84 27.19 -15.36 -31.45
C PHE D 84 28.53 -15.37 -32.19
N PHE D 85 28.77 -16.38 -33.04
CA PHE D 85 29.98 -16.47 -33.85
C PHE D 85 29.60 -16.59 -35.32
N PRO D 86 29.12 -15.50 -35.93
CA PRO D 86 28.61 -15.59 -37.31
C PRO D 86 29.65 -15.94 -38.36
N ASP D 87 30.93 -15.70 -38.09
CA ASP D 87 31.97 -15.93 -39.09
C ASP D 87 32.67 -17.26 -38.93
N GLN D 88 32.28 -18.07 -37.94
CA GLN D 88 32.92 -19.35 -37.68
C GLN D 88 31.95 -20.51 -37.81
N LEU D 89 30.92 -20.36 -38.63
CA LEU D 89 29.91 -21.40 -38.81
C LEU D 89 30.20 -22.22 -40.06
N LYS D 90 29.47 -23.32 -40.19
CA LYS D 90 29.65 -24.27 -41.29
C LYS D 90 28.50 -24.16 -42.28
N THR D 91 28.77 -24.60 -43.51
CA THR D 91 27.71 -24.67 -44.51
C THR D 91 26.71 -25.76 -44.12
N PRO D 92 25.42 -25.51 -44.30
CA PRO D 92 24.42 -26.50 -43.87
C PRO D 92 24.53 -27.79 -44.69
N ILE D 93 24.38 -28.91 -43.99
CA ILE D 93 24.39 -30.22 -44.66
C ILE D 93 23.00 -30.62 -45.12
N LEU D 94 21.98 -29.81 -44.87
CA LEU D 94 20.61 -30.04 -45.32
C LEU D 94 20.19 -28.96 -46.31
N PRO D 95 19.25 -29.28 -47.22
CA PRO D 95 18.80 -28.26 -48.18
C PRO D 95 18.05 -27.15 -47.49
N PRO D 96 18.04 -25.95 -48.06
CA PRO D 96 17.50 -24.79 -47.33
C PRO D 96 15.99 -24.84 -47.16
N ILE D 97 15.53 -24.11 -46.15
CA ILE D 97 14.12 -23.88 -45.89
C ILE D 97 13.80 -22.49 -46.42
N ASN D 98 13.19 -22.41 -47.60
CA ASN D 98 12.96 -21.08 -48.16
C ASN D 98 11.96 -20.31 -47.31
N TYR D 99 12.46 -19.55 -46.35
CA TYR D 99 11.63 -18.62 -45.60
C TYR D 99 11.18 -17.48 -46.50
N PRO D 100 9.92 -17.06 -46.41
CA PRO D 100 9.51 -15.86 -47.14
C PRO D 100 10.16 -14.63 -46.54
N LYS D 101 10.35 -13.61 -47.38
CA LYS D 101 11.01 -12.39 -46.91
C LYS D 101 10.10 -11.66 -45.94
N ILE D 102 10.62 -11.40 -44.73
CA ILE D 102 9.90 -10.68 -43.70
C ILE D 102 10.55 -9.33 -43.41
N LEU D 103 11.85 -9.34 -43.10
CA LEU D 103 12.57 -8.13 -42.75
C LEU D 103 13.34 -7.60 -43.96
N ALA D 104 13.91 -6.41 -43.78
CA ALA D 104 14.67 -5.79 -44.84
C ALA D 104 15.98 -6.55 -45.09
N LYS D 105 16.53 -6.36 -46.30
CA LYS D 105 17.64 -7.19 -46.76
C LYS D 105 18.89 -7.07 -45.90
N TYR D 106 19.02 -6.00 -45.12
CA TYR D 106 20.20 -5.79 -44.30
C TYR D 106 20.05 -6.34 -42.89
N SER D 107 18.94 -7.02 -42.60
CA SER D 107 18.56 -7.30 -41.21
C SER D 107 19.61 -8.14 -40.49
N ASP D 108 20.21 -9.12 -41.20
CA ASP D 108 21.15 -10.02 -40.54
C ASP D 108 22.43 -9.32 -40.10
N GLU D 109 22.72 -8.13 -40.64
CA GLU D 109 23.88 -7.37 -40.21
C GLU D 109 23.70 -6.75 -38.84
N ILE D 110 22.48 -6.74 -38.30
CA ILE D 110 22.22 -6.23 -36.96
C ILE D 110 22.44 -7.36 -35.98
N ASN D 111 23.40 -7.17 -35.05
CA ASN D 111 23.85 -8.27 -34.19
C ASN D 111 24.49 -7.63 -32.95
N VAL D 112 23.79 -7.67 -31.83
CA VAL D 112 24.27 -7.11 -30.58
C VAL D 112 24.68 -8.21 -29.59
N ASN D 113 25.00 -9.40 -30.10
CA ASN D 113 25.31 -10.52 -29.21
C ASN D 113 26.56 -10.27 -28.38
N SER D 114 27.52 -9.49 -28.91
CA SER D 114 28.70 -9.15 -28.13
C SER D 114 28.33 -8.32 -26.90
N GLU D 115 27.33 -7.46 -27.03
CA GLU D 115 26.87 -6.68 -25.87
C GLU D 115 26.03 -7.53 -24.92
N ILE D 116 25.33 -8.54 -25.44
CA ILE D 116 24.55 -9.43 -24.59
C ILE D 116 25.48 -10.28 -23.74
N MET D 117 26.48 -10.90 -24.36
CA MET D 117 27.47 -11.68 -23.62
C MET D 117 28.15 -10.82 -22.55
N LYS D 118 28.36 -9.54 -22.83
CA LYS D 118 29.05 -8.66 -21.89
C LYS D 118 28.22 -8.43 -20.64
N PHE D 119 26.99 -7.95 -20.79
CA PHE D 119 26.20 -7.63 -19.60
C PHE D 119 25.72 -8.89 -18.88
N TYR D 120 25.53 -9.99 -19.61
CA TYR D 120 25.14 -11.23 -18.93
C TYR D 120 26.24 -11.71 -17.99
N VAL D 121 27.48 -11.75 -18.48
CA VAL D 121 28.59 -12.22 -17.66
C VAL D 121 28.88 -11.24 -16.53
N ASP D 122 28.92 -9.95 -16.83
CA ASP D 122 29.34 -8.96 -15.84
C ASP D 122 28.23 -8.61 -14.85
N GLU D 123 26.98 -8.61 -15.28
CA GLU D 123 25.88 -8.17 -14.42
C GLU D 123 24.96 -9.29 -13.96
N ILE D 124 24.63 -10.24 -14.82
CA ILE D 124 23.60 -11.23 -14.50
C ILE D 124 24.15 -12.40 -13.71
N VAL D 125 25.24 -13.02 -14.19
CA VAL D 125 25.83 -14.16 -13.50
C VAL D 125 26.10 -13.86 -12.01
N PRO D 126 26.74 -12.74 -11.64
CA PRO D 126 26.98 -12.49 -10.21
C PRO D 126 25.69 -12.40 -9.39
N GLN D 127 24.59 -11.97 -9.98
CA GLN D 127 23.37 -11.74 -9.23
C GLN D 127 22.39 -12.90 -9.23
N VAL D 128 22.52 -13.85 -10.17
CA VAL D 128 21.65 -15.02 -10.13
C VAL D 128 22.35 -16.25 -9.55
N SER D 129 23.67 -16.27 -9.49
CA SER D 129 24.38 -17.43 -8.97
C SER D 129 24.01 -17.68 -7.50
N CYS D 130 24.19 -18.92 -7.06
CA CYS D 130 23.89 -19.30 -5.69
C CYS D 130 24.97 -18.85 -4.71
N GLY D 131 25.92 -18.06 -5.16
CA GLY D 131 27.03 -17.62 -4.33
C GLY D 131 28.29 -17.49 -5.17
N GLN D 132 29.27 -16.78 -4.61
CA GLN D 132 30.54 -16.60 -5.29
C GLN D 132 31.45 -17.78 -5.01
N GLY D 133 32.11 -18.26 -6.05
CA GLY D 133 32.99 -19.41 -5.91
C GLY D 133 33.19 -20.13 -7.22
N ASP D 134 34.20 -20.98 -7.24
CA ASP D 134 34.58 -21.77 -8.40
C ASP D 134 34.53 -23.24 -8.04
N GLN D 135 33.78 -24.02 -8.81
CA GLN D 135 33.67 -25.47 -8.63
C GLN D 135 34.12 -26.12 -9.93
N LYS D 136 35.26 -26.82 -9.89
CA LYS D 136 35.79 -27.40 -11.12
C LYS D 136 34.90 -28.51 -11.66
N GLU D 137 34.10 -29.14 -10.80
CA GLU D 137 33.22 -30.22 -11.25
C GLU D 137 31.88 -29.70 -11.77
N ASN D 138 31.71 -28.39 -11.92
CA ASN D 138 30.46 -27.84 -12.42
C ASN D 138 30.68 -26.78 -13.50
N LEU D 139 31.90 -26.65 -14.03
CA LEU D 139 32.16 -25.68 -15.08
C LEU D 139 31.28 -25.93 -16.29
N GLY D 140 31.05 -27.21 -16.61
CA GLY D 140 30.20 -27.53 -17.75
C GLY D 140 28.73 -27.29 -17.47
N SER D 141 28.25 -27.75 -16.31
CA SER D 141 26.87 -27.48 -15.92
C SER D 141 26.58 -25.98 -15.96
N ALA D 142 27.42 -25.18 -15.32
CA ALA D 142 27.23 -23.73 -15.32
C ALA D 142 27.20 -23.17 -16.73
N SER D 143 28.16 -23.59 -17.57
CA SER D 143 28.26 -23.01 -18.91
C SER D 143 27.08 -23.41 -19.79
N THR D 144 26.62 -24.65 -19.68
CA THR D 144 25.44 -25.06 -20.45
C THR D 144 24.23 -24.25 -20.04
N CYS D 145 24.07 -23.98 -18.75
CA CYS D 145 23.03 -23.07 -18.30
C CYS D 145 23.19 -21.69 -18.92
N ASP D 146 24.42 -21.16 -18.93
CA ASP D 146 24.68 -19.85 -19.53
C ASP D 146 24.26 -19.83 -21.00
N ILE D 147 24.57 -20.89 -21.74
CA ILE D 147 24.23 -20.93 -23.16
C ILE D 147 22.73 -20.82 -23.36
N GLU D 148 21.96 -21.60 -22.58
CA GLU D 148 20.51 -21.50 -22.65
C GLU D 148 20.03 -20.09 -22.37
N CYS D 149 20.52 -19.48 -21.30
CA CYS D 149 20.13 -18.11 -20.97
C CYS D 149 20.50 -17.14 -22.09
N LEU D 150 21.72 -17.26 -22.61
CA LEU D 150 22.19 -16.31 -23.62
C LEU D 150 21.35 -16.38 -24.88
N GLN D 151 21.02 -17.61 -25.33
CA GLN D 151 20.26 -17.76 -26.56
C GLN D 151 18.83 -17.27 -26.39
N ALA D 152 18.22 -17.53 -25.23
CA ALA D 152 16.88 -17.02 -24.98
C ALA D 152 16.89 -15.50 -24.95
N ILE D 153 17.88 -14.91 -24.28
CA ILE D 153 17.97 -13.45 -24.21
C ILE D 153 18.28 -12.87 -25.59
N SER D 154 19.19 -13.52 -26.34
CA SER D 154 19.51 -13.03 -27.68
C SER D 154 18.28 -13.05 -28.57
N ARG D 155 17.47 -14.11 -28.48
CA ARG D 155 16.26 -14.19 -29.29
C ARG D 155 15.29 -13.06 -28.97
N ARG D 156 15.10 -12.77 -27.68
CA ARG D 156 14.18 -11.71 -27.27
C ARG D 156 14.63 -10.35 -27.82
N ILE D 157 15.90 -10.02 -27.64
CA ILE D 157 16.36 -8.68 -27.99
C ILE D 157 16.35 -8.47 -29.50
N HIS D 158 16.83 -9.46 -30.26
CA HIS D 158 16.80 -9.33 -31.71
C HIS D 158 15.39 -9.45 -32.28
N PHE D 159 14.42 -9.91 -31.49
CA PHE D 159 13.03 -9.89 -31.94
C PHE D 159 12.52 -8.49 -32.19
N GLY D 160 13.26 -7.46 -31.76
CA GLY D 160 12.88 -6.09 -32.04
C GLY D 160 12.89 -5.74 -33.51
N LYS D 161 13.60 -6.51 -34.34
CA LYS D 161 13.55 -6.28 -35.78
C LYS D 161 12.13 -6.50 -36.30
N PHE D 162 11.45 -7.53 -35.81
CA PHE D 162 10.08 -7.78 -36.22
C PHE D 162 9.14 -6.71 -35.66
N VAL D 163 9.41 -6.23 -34.45
CA VAL D 163 8.62 -5.14 -33.89
C VAL D 163 8.78 -3.89 -34.73
N ALA D 164 10.03 -3.57 -35.09
CA ALA D 164 10.28 -2.36 -35.86
C ALA D 164 9.63 -2.42 -37.23
N GLU D 165 9.68 -3.60 -37.88
CA GLU D 165 9.04 -3.73 -39.18
C GLU D 165 7.52 -3.71 -39.06
N ALA D 166 6.97 -4.21 -37.95
CA ALA D 166 5.52 -4.17 -37.77
C ALA D 166 5.04 -2.74 -37.55
N LYS D 167 5.81 -1.94 -36.80
CA LYS D 167 5.42 -0.55 -36.57
C LYS D 167 5.68 0.29 -37.81
N TYR D 168 6.77 0.02 -38.54
CA TYR D 168 7.09 0.80 -39.73
C TYR D 168 6.00 0.66 -40.78
N GLN D 169 5.49 -0.55 -40.98
CA GLN D 169 4.44 -0.78 -41.97
C GLN D 169 3.10 -0.19 -41.54
N SER D 170 2.90 0.02 -40.25
CA SER D 170 1.66 0.60 -39.74
C SER D 170 1.64 2.12 -39.85
N ASP D 171 2.75 2.74 -40.23
CA ASP D 171 2.81 4.19 -40.32
C ASP D 171 4.01 4.65 -41.14
N LYS D 172 4.09 4.19 -42.39
CA LYS D 172 5.18 4.58 -43.29
C LYS D 172 5.31 6.10 -43.34
N PRO D 173 4.26 6.87 -43.68
CA PRO D 173 4.45 8.34 -43.80
C PRO D 173 5.14 8.98 -42.61
N LEU D 174 4.73 8.65 -41.39
CA LEU D 174 5.42 9.16 -40.20
C LEU D 174 6.89 8.74 -40.23
N TYR D 175 7.13 7.43 -40.34
CA TYR D 175 8.47 6.91 -40.09
C TYR D 175 9.47 7.39 -41.14
N ILE D 176 9.12 7.28 -42.43
CA ILE D 176 10.03 7.73 -43.49
C ILE D 176 10.49 9.16 -43.24
N LYS D 177 9.58 10.02 -42.78
CA LYS D 177 9.97 11.39 -42.47
C LYS D 177 10.96 11.45 -41.32
N LEU D 178 10.90 10.48 -40.39
CA LEU D 178 11.87 10.44 -39.30
C LEU D 178 13.20 9.87 -39.76
N ILE D 179 13.17 8.76 -40.50
CA ILE D 179 14.40 8.17 -41.02
C ILE D 179 15.20 9.17 -41.85
N LEU D 180 14.51 10.03 -42.60
CA LEU D 180 15.20 11.02 -43.41
C LEU D 180 15.89 12.06 -42.54
N ASP D 181 15.21 12.53 -41.49
CA ASP D 181 15.80 13.52 -40.60
C ASP D 181 16.67 12.89 -39.52
N LYS D 182 16.69 11.56 -39.41
CA LYS D 182 17.54 10.84 -38.46
C LYS D 182 17.30 11.29 -37.02
N ASP D 183 16.10 11.78 -36.72
CA ASP D 183 15.77 12.15 -35.35
C ASP D 183 15.61 10.89 -34.50
N VAL D 184 16.71 10.46 -33.88
CA VAL D 184 16.67 9.24 -33.06
C VAL D 184 15.66 9.39 -31.93
N LYS D 185 15.54 10.60 -31.37
CA LYS D 185 14.55 10.82 -30.32
C LYS D 185 13.14 10.74 -30.88
N GLY D 186 12.93 11.23 -32.10
CA GLY D 186 11.61 11.14 -32.72
C GLY D 186 11.16 9.69 -32.89
N ILE D 187 12.06 8.85 -33.40
CA ILE D 187 11.75 7.42 -33.50
C ILE D 187 11.56 6.83 -32.11
N GLU D 188 12.46 7.16 -31.18
CA GLU D 188 12.41 6.62 -29.83
C GLU D 188 11.07 6.90 -29.15
N ASN D 189 10.41 8.01 -29.50
CA ASN D 189 9.14 8.34 -28.89
C ASN D 189 8.00 7.50 -29.44
N SER D 190 7.99 7.25 -30.74
CA SER D 190 6.87 6.57 -31.38
C SER D 190 6.87 5.06 -31.18
N ILE D 191 7.92 4.51 -30.57
CA ILE D 191 7.97 3.08 -30.29
C ILE D 191 7.95 2.78 -28.79
N THR D 192 8.19 3.78 -27.94
CA THR D 192 8.23 3.58 -26.50
C THR D 192 6.83 3.76 -25.91
N ASN D 193 6.40 2.77 -25.14
CA ASN D 193 5.18 2.86 -24.34
C ASN D 193 5.57 2.50 -22.91
N SER D 194 5.90 3.52 -22.11
CA SER D 194 6.36 3.29 -20.75
C SER D 194 5.29 2.63 -19.87
N ALA D 195 4.02 2.71 -20.28
CA ALA D 195 2.95 2.06 -19.51
C ALA D 195 3.05 0.55 -19.63
N VAL D 196 3.15 0.03 -20.86
CA VAL D 196 3.24 -1.42 -21.05
C VAL D 196 4.56 -1.93 -20.50
N GLU D 197 5.62 -1.14 -20.54
CA GLU D 197 6.88 -1.52 -19.90
C GLU D 197 6.69 -1.73 -18.40
N GLN D 198 5.92 -0.85 -17.76
CA GLN D 198 5.66 -1.02 -16.33
C GLN D 198 4.94 -2.33 -16.05
N LYS D 199 3.95 -2.67 -16.86
CA LYS D 199 3.15 -3.86 -16.59
C LYS D 199 3.93 -5.14 -16.87
N ILE D 200 4.89 -5.09 -17.80
CA ILE D 200 5.72 -6.26 -18.06
C ILE D 200 6.64 -6.53 -16.87
N LEU D 201 7.27 -5.48 -16.34
CA LEU D 201 8.15 -5.64 -15.18
C LEU D 201 7.41 -6.22 -14.00
N GLU D 202 6.16 -5.79 -13.79
CA GLU D 202 5.36 -6.32 -12.69
C GLU D 202 5.01 -7.78 -12.91
N ARG D 203 4.79 -8.18 -14.15
CA ARG D 203 4.50 -9.59 -14.44
C ARG D 203 5.74 -10.46 -14.20
N LEU D 204 6.92 -9.94 -14.52
CA LEU D 204 8.15 -10.69 -14.25
C LEU D 204 8.32 -10.95 -12.76
N ILE D 205 7.95 -9.98 -11.92
CA ILE D 205 8.08 -10.14 -10.48
C ILE D 205 7.27 -11.33 -10.01
N VAL D 206 6.01 -11.43 -10.44
CA VAL D 206 5.16 -12.53 -10.00
C VAL D 206 5.54 -13.83 -10.71
N LYS D 207 6.03 -13.76 -11.95
CA LYS D 207 6.52 -14.96 -12.60
C LYS D 207 7.75 -15.50 -11.87
N ALA D 208 8.68 -14.63 -11.49
CA ALA D 208 9.82 -15.05 -10.70
C ALA D 208 9.39 -15.61 -9.35
N GLU D 209 8.30 -15.08 -8.78
CA GLU D 209 7.81 -15.59 -7.50
C GLU D 209 7.15 -16.95 -7.69
N SER D 210 6.28 -17.06 -8.70
CA SER D 210 5.57 -18.31 -8.93
C SER D 210 6.49 -19.42 -9.39
N TYR D 211 7.40 -19.11 -10.32
CA TYR D 211 8.23 -20.16 -10.90
C TYR D 211 9.40 -20.54 -10.00
N GLY D 212 9.90 -19.61 -9.19
CA GLY D 212 11.11 -19.87 -8.44
C GLY D 212 10.90 -20.25 -6.99
N VAL D 213 9.78 -20.93 -6.68
CA VAL D 213 9.49 -21.35 -5.30
C VAL D 213 8.81 -22.72 -5.35
N ASP D 214 9.26 -23.63 -4.50
CA ASP D 214 8.70 -24.98 -4.46
C ASP D 214 7.26 -24.92 -3.96
N PRO D 215 6.28 -25.36 -4.76
CA PRO D 215 4.88 -25.25 -4.32
C PRO D 215 4.45 -26.36 -3.37
N SER D 216 5.41 -26.95 -2.65
CA SER D 216 5.12 -27.73 -1.46
C SER D 216 5.68 -27.10 -0.20
N LEU D 217 6.76 -26.33 -0.33
CA LEU D 217 7.33 -25.58 0.79
C LEU D 217 6.69 -24.21 0.88
N GLN D 224 12.58 -18.26 0.25
CA GLN D 224 13.23 -17.42 -0.76
C GLN D 224 12.99 -17.95 -2.16
N SER D 225 12.92 -17.04 -3.13
CA SER D 225 12.86 -17.45 -4.52
C SER D 225 14.22 -17.99 -4.96
N LYS D 226 14.21 -18.99 -5.83
CA LYS D 226 15.45 -19.52 -6.37
C LYS D 226 16.26 -18.42 -7.02
N VAL D 227 15.61 -17.63 -7.88
CA VAL D 227 16.17 -16.38 -8.38
C VAL D 227 15.32 -15.26 -7.82
N LYS D 228 15.96 -14.34 -7.12
CA LYS D 228 15.26 -13.26 -6.45
C LYS D 228 14.57 -12.35 -7.47
N PRO D 229 13.29 -12.02 -7.25
CA PRO D 229 12.47 -11.45 -8.35
C PRO D 229 12.96 -10.10 -8.86
N GLU D 230 13.53 -9.25 -8.00
CA GLU D 230 13.96 -7.93 -8.44
C GLU D 230 15.14 -7.99 -9.40
N VAL D 231 15.90 -9.08 -9.40
CA VAL D 231 16.95 -9.24 -10.41
C VAL D 231 16.34 -9.42 -11.79
N ILE D 232 15.19 -10.08 -11.87
CA ILE D 232 14.54 -10.28 -13.17
C ILE D 232 13.98 -8.97 -13.70
N ALA D 233 13.38 -8.16 -12.82
CA ALA D 233 12.84 -6.88 -13.26
C ALA D 233 13.94 -5.95 -13.74
N LYS D 234 15.04 -5.85 -12.98
CA LYS D 234 16.13 -4.97 -13.38
C LYS D 234 16.84 -5.49 -14.62
N LEU D 235 16.88 -6.81 -14.83
CA LEU D 235 17.48 -7.35 -16.03
C LEU D 235 16.76 -6.84 -17.28
N TYR D 236 15.43 -6.82 -17.24
CA TYR D 236 14.67 -6.28 -18.36
C TYR D 236 14.82 -4.77 -18.44
N LYS D 237 14.67 -4.09 -17.30
CA LYS D 237 14.61 -2.63 -17.30
C LYS D 237 15.95 -2.03 -17.70
N ASP D 238 17.06 -2.58 -17.20
CA ASP D 238 18.37 -2.01 -17.44
C ASP D 238 19.09 -2.58 -18.66
N TRP D 239 18.57 -3.66 -19.27
CA TRP D 239 19.34 -4.31 -20.32
C TRP D 239 18.47 -4.79 -21.48
N ILE D 240 17.55 -5.72 -21.22
CA ILE D 240 16.81 -6.34 -22.31
C ILE D 240 15.93 -5.32 -23.04
N ILE D 241 15.17 -4.53 -22.28
CA ILE D 241 14.28 -3.54 -22.90
C ILE D 241 15.07 -2.45 -23.60
N PRO D 242 16.09 -1.83 -22.97
CA PRO D 242 16.86 -0.80 -23.70
C PRO D 242 17.55 -1.35 -24.94
N LEU D 243 18.17 -2.53 -24.85
CA LEU D 243 18.85 -3.10 -26.00
C LEU D 243 17.86 -3.44 -27.12
N THR D 244 16.70 -3.99 -26.76
CA THR D 244 15.67 -4.26 -27.75
C THR D 244 15.31 -3.00 -28.52
N LYS D 245 15.24 -1.87 -27.82
CA LYS D 245 14.91 -0.60 -28.47
C LYS D 245 16.03 -0.13 -29.37
N LYS D 246 17.29 -0.31 -28.94
CA LYS D 246 18.42 0.01 -29.80
C LYS D 246 18.36 -0.78 -31.10
N VAL D 247 17.96 -2.05 -31.02
CA VAL D 247 17.78 -2.84 -32.23
C VAL D 247 16.68 -2.25 -33.10
N GLU D 248 15.58 -1.81 -32.47
CA GLU D 248 14.50 -1.18 -33.23
C GLU D 248 14.96 0.12 -33.88
N ILE D 249 15.75 0.93 -33.15
CA ILE D 249 16.20 2.21 -33.67
C ILE D 249 17.03 2.02 -34.93
N ASP D 250 18.14 1.29 -34.81
CA ASP D 250 19.05 1.15 -35.94
C ASP D 250 18.41 0.40 -37.10
N TYR D 251 17.48 -0.52 -36.82
CA TYR D 251 16.75 -1.18 -37.89
C TYR D 251 15.97 -0.17 -38.72
N LEU D 252 15.23 0.71 -38.06
CA LEU D 252 14.44 1.71 -38.78
C LEU D 252 15.33 2.74 -39.46
N LEU D 253 16.49 3.05 -38.88
CA LEU D 253 17.34 4.11 -39.42
C LEU D 253 18.03 3.71 -40.72
N ARG D 254 18.06 2.42 -41.04
CA ARG D 254 18.53 1.95 -42.35
C ARG D 254 17.38 1.49 -43.24
N ARG D 255 16.13 1.67 -42.79
CA ARG D 255 15.00 1.05 -43.46
C ARG D 255 14.78 1.57 -44.86
N LEU D 256 15.24 2.78 -45.17
CA LEU D 256 15.05 3.32 -46.51
C LEU D 256 15.99 2.71 -47.54
N GLU D 257 16.96 1.90 -47.11
CA GLU D 257 17.79 1.17 -48.06
C GLU D 257 17.03 0.04 -48.74
N ASP D 258 15.84 -0.32 -48.24
CA ASP D 258 15.05 -1.42 -48.77
C ASP D 258 13.60 -1.02 -48.99
N GLU D 259 13.39 0.22 -49.45
CA GLU D 259 12.05 0.73 -49.66
C GLU D 259 11.89 1.26 -51.08
N ASP D 260 10.70 1.06 -51.65
CA ASP D 260 10.37 1.59 -52.96
C ASP D 260 10.63 3.10 -53.01
N VAL D 261 11.12 3.57 -54.16
CA VAL D 261 11.50 4.97 -54.31
C VAL D 261 10.31 5.85 -54.71
N GLU D 262 9.11 5.27 -54.85
CA GLU D 262 7.93 6.06 -55.14
C GLU D 262 7.30 6.63 -53.87
N LEU D 263 7.73 6.19 -52.69
CA LEU D 263 7.34 6.82 -51.44
C LEU D 263 8.06 8.12 -51.19
N VAL D 264 8.78 8.64 -52.19
CA VAL D 264 9.35 9.99 -52.13
C VAL D 264 8.28 11.02 -51.84
N GLU D 265 7.02 10.71 -52.20
CA GLU D 265 5.89 11.56 -51.87
C GLU D 265 5.80 11.87 -50.38
N LYS D 266 6.36 11.00 -49.52
CA LYS D 266 6.38 11.29 -48.10
C LYS D 266 7.52 12.23 -47.74
N TYR D 267 8.68 12.03 -48.36
CA TYR D 267 9.79 12.98 -48.25
C TYR D 267 9.50 14.17 -49.14
#